data_3LMO
# 
_entry.id   3LMO 
# 
_audit_conform.dict_name       mmcif_pdbx.dic 
_audit_conform.dict_version    5.387 
_audit_conform.dict_location   http://mmcif.pdb.org/dictionaries/ascii/mmcif_pdbx.dic 
# 
loop_
_database_2.database_id 
_database_2.database_code 
_database_2.pdbx_database_accession 
_database_2.pdbx_DOI 
PDB   3LMO         pdb_00003lmo 10.2210/pdb3lmo/pdb 
RCSB  RCSB057466   ?            ?                   
WWPDB D_1000057466 ?            ?                   
# 
loop_
_pdbx_audit_revision_history.ordinal 
_pdbx_audit_revision_history.data_content_type 
_pdbx_audit_revision_history.major_revision 
_pdbx_audit_revision_history.minor_revision 
_pdbx_audit_revision_history.revision_date 
1 'Structure model' 1 0 2010-02-16 
2 'Structure model' 1 1 2011-07-13 
3 'Structure model' 1 2 2012-12-05 
4 'Structure model' 1 3 2017-10-25 
5 'Structure model' 1 4 2019-07-17 
6 'Structure model' 1 5 2024-02-21 
# 
_pdbx_audit_revision_details.ordinal             1 
_pdbx_audit_revision_details.revision_ordinal    1 
_pdbx_audit_revision_details.data_content_type   'Structure model' 
_pdbx_audit_revision_details.provider            repository 
_pdbx_audit_revision_details.type                'Initial release' 
_pdbx_audit_revision_details.description         ? 
_pdbx_audit_revision_details.details             ? 
# 
loop_
_pdbx_audit_revision_group.ordinal 
_pdbx_audit_revision_group.revision_ordinal 
_pdbx_audit_revision_group.data_content_type 
_pdbx_audit_revision_group.group 
1 2 'Structure model' 'Version format compliance'  
2 3 'Structure model' 'Database references'        
3 4 'Structure model' 'Author supporting evidence' 
4 5 'Structure model' 'Data collection'            
5 5 'Structure model' 'Refinement description'     
6 6 'Structure model' 'Data collection'            
7 6 'Structure model' 'Database references'        
# 
loop_
_pdbx_audit_revision_category.ordinal 
_pdbx_audit_revision_category.revision_ordinal 
_pdbx_audit_revision_category.data_content_type 
_pdbx_audit_revision_category.category 
1 4 'Structure model' pdbx_struct_assembly_auth_evidence 
2 5 'Structure model' software                           
3 6 'Structure model' chem_comp_atom                     
4 6 'Structure model' chem_comp_bond                     
5 6 'Structure model' database_2                         
6 6 'Structure model' struct_ref_seq_dif                 
# 
loop_
_pdbx_audit_revision_item.ordinal 
_pdbx_audit_revision_item.revision_ordinal 
_pdbx_audit_revision_item.data_content_type 
_pdbx_audit_revision_item.item 
1  5 'Structure model' '_software.contact_author'            
2  5 'Structure model' '_software.contact_author_email'      
3  5 'Structure model' '_software.language'                  
4  5 'Structure model' '_software.location'                  
5  5 'Structure model' '_software.name'                      
6  5 'Structure model' '_software.type'                      
7  5 'Structure model' '_software.version'                   
8  6 'Structure model' '_database_2.pdbx_DOI'                
9  6 'Structure model' '_database_2.pdbx_database_accession' 
10 6 'Structure model' '_struct_ref_seq_dif.details'         
# 
_pdbx_database_status.entry_id                        3LMO 
_pdbx_database_status.deposit_site                    RCSB 
_pdbx_database_status.process_site                    RCSB 
_pdbx_database_status.recvd_initial_deposition_date   2010-01-31 
_pdbx_database_status.status_code                     REL 
_pdbx_database_status.status_code_sf                  REL 
_pdbx_database_status.status_code_mr                  ? 
_pdbx_database_status.SG_entry                        Y 
_pdbx_database_status.status_code_cs                  ? 
_pdbx_database_status.pdb_format_compatible           Y 
_pdbx_database_status.methods_development_category    ? 
_pdbx_database_status.status_code_nmr_data            ? 
# 
_pdbx_database_related.db_name        TargetDB 
_pdbx_database_related.db_id          RpR324 
_pdbx_database_related.details        . 
_pdbx_database_related.content_type   unspecified 
# 
loop_
_audit_author.name 
_audit_author.pdbx_ordinal 
'Forouhar, F.'                                    1  
'Rossi, P.'                                       2  
'Lew, S.'                                         3  
'Seetharaman, J.'                                 4  
'Mao, M.'                                         5  
'Xiao, R.'                                        6  
'Ciccosanti, C.'                                  7  
'Wang, H.'                                        8  
'Everett, J.K.'                                   9  
'Nair, R.'                                        10 
'Acton, T.B.'                                     11 
'Rost, B.'                                        12 
'Montelione, G.T.'                                13 
'Tong, L.'                                        14 
'Hunt, J.F.'                                      15 
'Northeast Structural Genomics Consortium (NESG)' 16 
# 
_citation.id                        primary 
_citation.title                     
;Structure of a specialized acyl carrier protein essential for lipid A biosynthesis with very long-chain fatty acids in open and closed conformations.
;
_citation.journal_abbrev            Biochemistry 
_citation.journal_volume            51 
_citation.page_first                7239 
_citation.page_last                 7249 
_citation.year                      2012 
_citation.journal_id_ASTM           BICHAW 
_citation.country                   US 
_citation.journal_id_ISSN           0006-2960 
_citation.journal_id_CSD            0033 
_citation.book_publisher            ? 
_citation.pdbx_database_id_PubMed   22876860 
_citation.pdbx_database_id_DOI      10.1021/bi300546b 
# 
loop_
_citation_author.citation_id 
_citation_author.name 
_citation_author.ordinal 
_citation_author.identifier_ORCID 
primary 'Ramelot, T.A.'    1  ? 
primary 'Rossi, P.'        2  ? 
primary 'Forouhar, F.'     3  ? 
primary 'Lee, H.W.'        4  ? 
primary 'Yang, Y.'         5  ? 
primary 'Ni, S.'           6  ? 
primary 'Unser, S.'        7  ? 
primary 'Lew, S.'          8  ? 
primary 'Seetharaman, J.'  9  ? 
primary 'Xiao, R.'         10 ? 
primary 'Acton, T.B.'      11 ? 
primary 'Everett, J.K.'    12 ? 
primary 'Prestegard, J.H.' 13 ? 
primary 'Hunt, J.F.'       14 ? 
primary 'Montelione, G.T.' 15 ? 
primary 'Kennedy, M.A.'    16 ? 
# 
loop_
_entity.id 
_entity.type 
_entity.src_method 
_entity.pdbx_description 
_entity.formula_weight 
_entity.pdbx_number_of_molecules 
_entity.pdbx_ec 
_entity.pdbx_mutation 
_entity.pdbx_fragment 
_entity.details 
1 polymer man 'Specialized acyl carrier protein' 11309.719 1  ? ? ? ? 
2 water   nat water                              18.015    92 ? ? ? ? 
# 
_entity_poly.entity_id                      1 
_entity_poly.type                           'polypeptide(L)' 
_entity_poly.nstd_linkage                   no 
_entity_poly.nstd_monomer                   no 
_entity_poly.pdbx_seq_one_letter_code       
;MTSTFDRVATIIAETCDIPRETITPESHAIDDLGIDSLDFLDIAFAIDKAFGIKLPLEKWTQEVNDGKATTEQYFVLKNL
AARIDELVAAKGALEHHHHHH
;
_entity_poly.pdbx_seq_one_letter_code_can   
;MTSTFDRVATIIAETCDIPRETITPESHAIDDLGIDSLDFLDIAFAIDKAFGIKLPLEKWTQEVNDGKATTEQYFVLKNL
AARIDELVAAKGALEHHHHHH
;
_entity_poly.pdbx_strand_id                 A 
_entity_poly.pdbx_target_identifier         RpR324 
# 
_pdbx_entity_nonpoly.entity_id   2 
_pdbx_entity_nonpoly.name        water 
_pdbx_entity_nonpoly.comp_id     HOH 
# 
loop_
_entity_poly_seq.entity_id 
_entity_poly_seq.num 
_entity_poly_seq.mon_id 
_entity_poly_seq.hetero 
1 1   MET n 
1 2   THR n 
1 3   SER n 
1 4   THR n 
1 5   PHE n 
1 6   ASP n 
1 7   ARG n 
1 8   VAL n 
1 9   ALA n 
1 10  THR n 
1 11  ILE n 
1 12  ILE n 
1 13  ALA n 
1 14  GLU n 
1 15  THR n 
1 16  CYS n 
1 17  ASP n 
1 18  ILE n 
1 19  PRO n 
1 20  ARG n 
1 21  GLU n 
1 22  THR n 
1 23  ILE n 
1 24  THR n 
1 25  PRO n 
1 26  GLU n 
1 27  SER n 
1 28  HIS n 
1 29  ALA n 
1 30  ILE n 
1 31  ASP n 
1 32  ASP n 
1 33  LEU n 
1 34  GLY n 
1 35  ILE n 
1 36  ASP n 
1 37  SER n 
1 38  LEU n 
1 39  ASP n 
1 40  PHE n 
1 41  LEU n 
1 42  ASP n 
1 43  ILE n 
1 44  ALA n 
1 45  PHE n 
1 46  ALA n 
1 47  ILE n 
1 48  ASP n 
1 49  LYS n 
1 50  ALA n 
1 51  PHE n 
1 52  GLY n 
1 53  ILE n 
1 54  LYS n 
1 55  LEU n 
1 56  PRO n 
1 57  LEU n 
1 58  GLU n 
1 59  LYS n 
1 60  TRP n 
1 61  THR n 
1 62  GLN n 
1 63  GLU n 
1 64  VAL n 
1 65  ASN n 
1 66  ASP n 
1 67  GLY n 
1 68  LYS n 
1 69  ALA n 
1 70  THR n 
1 71  THR n 
1 72  GLU n 
1 73  GLN n 
1 74  TYR n 
1 75  PHE n 
1 76  VAL n 
1 77  LEU n 
1 78  LYS n 
1 79  ASN n 
1 80  LEU n 
1 81  ALA n 
1 82  ALA n 
1 83  ARG n 
1 84  ILE n 
1 85  ASP n 
1 86  GLU n 
1 87  LEU n 
1 88  VAL n 
1 89  ALA n 
1 90  ALA n 
1 91  LYS n 
1 92  GLY n 
1 93  ALA n 
1 94  LEU n 
1 95  GLU n 
1 96  HIS n 
1 97  HIS n 
1 98  HIS n 
1 99  HIS n 
1 100 HIS n 
1 101 HIS n 
# 
_entity_src_gen.entity_id                          1 
_entity_src_gen.pdbx_src_id                        1 
_entity_src_gen.pdbx_alt_source_flag               sample 
_entity_src_gen.pdbx_seq_type                      ? 
_entity_src_gen.pdbx_beg_seq_num                   ? 
_entity_src_gen.pdbx_end_seq_num                   ? 
_entity_src_gen.gene_src_common_name               ? 
_entity_src_gen.gene_src_genus                     ? 
_entity_src_gen.pdbx_gene_src_gene                 RPA2022 
_entity_src_gen.gene_src_species                   ? 
_entity_src_gen.gene_src_strain                    CGA009 
_entity_src_gen.gene_src_tissue                    ? 
_entity_src_gen.gene_src_tissue_fraction           ? 
_entity_src_gen.gene_src_details                   ? 
_entity_src_gen.pdbx_gene_src_fragment             ? 
_entity_src_gen.pdbx_gene_src_scientific_name      'Rhodopseudomonas palustris' 
_entity_src_gen.pdbx_gene_src_ncbi_taxonomy_id     1076 
_entity_src_gen.pdbx_gene_src_variant              ? 
_entity_src_gen.pdbx_gene_src_cell_line            ? 
_entity_src_gen.pdbx_gene_src_atcc                 ? 
_entity_src_gen.pdbx_gene_src_organ                ? 
_entity_src_gen.pdbx_gene_src_organelle            ? 
_entity_src_gen.pdbx_gene_src_cell                 ? 
_entity_src_gen.pdbx_gene_src_cellular_location    ? 
_entity_src_gen.host_org_common_name               ? 
_entity_src_gen.pdbx_host_org_scientific_name      'Escherichia coli' 
_entity_src_gen.pdbx_host_org_ncbi_taxonomy_id     469008 
_entity_src_gen.host_org_genus                     ? 
_entity_src_gen.pdbx_host_org_gene                 ? 
_entity_src_gen.pdbx_host_org_organ                ? 
_entity_src_gen.host_org_species                   ? 
_entity_src_gen.pdbx_host_org_tissue               ? 
_entity_src_gen.pdbx_host_org_tissue_fraction      ? 
_entity_src_gen.pdbx_host_org_strain               'BL21(DE3)+ Magic' 
_entity_src_gen.pdbx_host_org_variant              ? 
_entity_src_gen.pdbx_host_org_cell_line            ? 
_entity_src_gen.pdbx_host_org_atcc                 ? 
_entity_src_gen.pdbx_host_org_culture_collection   ? 
_entity_src_gen.pdbx_host_org_cell                 ? 
_entity_src_gen.pdbx_host_org_organelle            ? 
_entity_src_gen.pdbx_host_org_cellular_location    ? 
_entity_src_gen.pdbx_host_org_vector_type          ? 
_entity_src_gen.pdbx_host_org_vector               'pET 21-23C' 
_entity_src_gen.host_org_details                   ? 
_entity_src_gen.expression_system_id               ? 
_entity_src_gen.plasmid_name                       ? 
_entity_src_gen.plasmid_details                    ? 
_entity_src_gen.pdbx_description                   ? 
# 
loop_
_chem_comp.id 
_chem_comp.type 
_chem_comp.mon_nstd_flag 
_chem_comp.name 
_chem_comp.pdbx_synonyms 
_chem_comp.formula 
_chem_comp.formula_weight 
ALA 'L-peptide linking' y ALANINE         ? 'C3 H7 N O2'     89.093  
ARG 'L-peptide linking' y ARGININE        ? 'C6 H15 N4 O2 1' 175.209 
ASN 'L-peptide linking' y ASPARAGINE      ? 'C4 H8 N2 O3'    132.118 
ASP 'L-peptide linking' y 'ASPARTIC ACID' ? 'C4 H7 N O4'     133.103 
CYS 'L-peptide linking' y CYSTEINE        ? 'C3 H7 N O2 S'   121.158 
GLN 'L-peptide linking' y GLUTAMINE       ? 'C5 H10 N2 O3'   146.144 
GLU 'L-peptide linking' y 'GLUTAMIC ACID' ? 'C5 H9 N O4'     147.129 
GLY 'peptide linking'   y GLYCINE         ? 'C2 H5 N O2'     75.067  
HIS 'L-peptide linking' y HISTIDINE       ? 'C6 H10 N3 O2 1' 156.162 
HOH non-polymer         . WATER           ? 'H2 O'           18.015  
ILE 'L-peptide linking' y ISOLEUCINE      ? 'C6 H13 N O2'    131.173 
LEU 'L-peptide linking' y LEUCINE         ? 'C6 H13 N O2'    131.173 
LYS 'L-peptide linking' y LYSINE          ? 'C6 H15 N2 O2 1' 147.195 
MET 'L-peptide linking' y METHIONINE      ? 'C5 H11 N O2 S'  149.211 
PHE 'L-peptide linking' y PHENYLALANINE   ? 'C9 H11 N O2'    165.189 
PRO 'L-peptide linking' y PROLINE         ? 'C5 H9 N O2'     115.130 
SER 'L-peptide linking' y SERINE          ? 'C3 H7 N O3'     105.093 
THR 'L-peptide linking' y THREONINE       ? 'C4 H9 N O3'     119.119 
TRP 'L-peptide linking' y TRYPTOPHAN      ? 'C11 H12 N2 O2'  204.225 
TYR 'L-peptide linking' y TYROSINE        ? 'C9 H11 N O3'    181.189 
VAL 'L-peptide linking' y VALINE          ? 'C5 H11 N O2'    117.146 
# 
loop_
_pdbx_poly_seq_scheme.asym_id 
_pdbx_poly_seq_scheme.entity_id 
_pdbx_poly_seq_scheme.seq_id 
_pdbx_poly_seq_scheme.mon_id 
_pdbx_poly_seq_scheme.ndb_seq_num 
_pdbx_poly_seq_scheme.pdb_seq_num 
_pdbx_poly_seq_scheme.auth_seq_num 
_pdbx_poly_seq_scheme.pdb_mon_id 
_pdbx_poly_seq_scheme.auth_mon_id 
_pdbx_poly_seq_scheme.pdb_strand_id 
_pdbx_poly_seq_scheme.pdb_ins_code 
_pdbx_poly_seq_scheme.hetero 
A 1 1   MET 1   1   ?  ?   ?   A . n 
A 1 2   THR 2   2   2  THR THR A . n 
A 1 3   SER 3   3   3  SER SER A . n 
A 1 4   THR 4   4   4  THR THR A . n 
A 1 5   PHE 5   5   5  PHE PHE A . n 
A 1 6   ASP 6   6   6  ASP ASP A . n 
A 1 7   ARG 7   7   7  ARG ARG A . n 
A 1 8   VAL 8   8   8  VAL VAL A . n 
A 1 9   ALA 9   9   9  ALA ALA A . n 
A 1 10  THR 10  10  10 THR THR A . n 
A 1 11  ILE 11  11  11 ILE ILE A . n 
A 1 12  ILE 12  12  12 ILE ILE A . n 
A 1 13  ALA 13  13  13 ALA ALA A . n 
A 1 14  GLU 14  14  14 GLU GLU A . n 
A 1 15  THR 15  15  15 THR THR A . n 
A 1 16  CYS 16  16  16 CYS CYS A . n 
A 1 17  ASP 17  17  17 ASP ASP A . n 
A 1 18  ILE 18  18  18 ILE ILE A . n 
A 1 19  PRO 19  19  19 PRO PRO A . n 
A 1 20  ARG 20  20  20 ARG ARG A . n 
A 1 21  GLU 21  21  21 GLU GLU A . n 
A 1 22  THR 22  22  22 THR THR A . n 
A 1 23  ILE 23  23  23 ILE ILE A . n 
A 1 24  THR 24  24  24 THR THR A . n 
A 1 25  PRO 25  25  25 PRO PRO A . n 
A 1 26  GLU 26  26  26 GLU GLU A . n 
A 1 27  SER 27  27  27 SER SER A . n 
A 1 28  HIS 28  28  28 HIS HIS A . n 
A 1 29  ALA 29  29  29 ALA ALA A . n 
A 1 30  ILE 30  30  30 ILE ILE A . n 
A 1 31  ASP 31  31  31 ASP ASP A . n 
A 1 32  ASP 32  32  32 ASP ASP A . n 
A 1 33  LEU 33  33  33 LEU LEU A . n 
A 1 34  GLY 34  34  34 GLY GLY A . n 
A 1 35  ILE 35  35  35 ILE ILE A . n 
A 1 36  ASP 36  36  36 ASP ASP A . n 
A 1 37  SER 37  37  37 SER SER A . n 
A 1 38  LEU 38  38  38 LEU LEU A . n 
A 1 39  ASP 39  39  39 ASP ASP A . n 
A 1 40  PHE 40  40  40 PHE PHE A . n 
A 1 41  LEU 41  41  41 LEU LEU A . n 
A 1 42  ASP 42  42  42 ASP ASP A . n 
A 1 43  ILE 43  43  43 ILE ILE A . n 
A 1 44  ALA 44  44  44 ALA ALA A . n 
A 1 45  PHE 45  45  45 PHE PHE A . n 
A 1 46  ALA 46  46  46 ALA ALA A . n 
A 1 47  ILE 47  47  47 ILE ILE A . n 
A 1 48  ASP 48  48  48 ASP ASP A . n 
A 1 49  LYS 49  49  49 LYS LYS A . n 
A 1 50  ALA 50  50  50 ALA ALA A . n 
A 1 51  PHE 51  51  51 PHE PHE A . n 
A 1 52  GLY 52  52  52 GLY GLY A . n 
A 1 53  ILE 53  53  53 ILE ILE A . n 
A 1 54  LYS 54  54  54 LYS LYS A . n 
A 1 55  LEU 55  55  55 LEU LEU A . n 
A 1 56  PRO 56  56  56 PRO PRO A . n 
A 1 57  LEU 57  57  57 LEU LEU A . n 
A 1 58  GLU 58  58  58 GLU GLU A . n 
A 1 59  LYS 59  59  59 LYS LYS A . n 
A 1 60  TRP 60  60  60 TRP TRP A . n 
A 1 61  THR 61  61  61 THR THR A . n 
A 1 62  GLN 62  62  62 GLN GLN A . n 
A 1 63  GLU 63  63  63 GLU GLU A . n 
A 1 64  VAL 64  64  64 VAL VAL A . n 
A 1 65  ASN 65  65  65 ASN ASN A . n 
A 1 66  ASP 66  66  66 ASP ASP A . n 
A 1 67  GLY 67  67  67 GLY GLY A . n 
A 1 68  LYS 68  68  68 LYS LYS A . n 
A 1 69  ALA 69  69  69 ALA ALA A . n 
A 1 70  THR 70  70  70 THR THR A . n 
A 1 71  THR 71  71  71 THR THR A . n 
A 1 72  GLU 72  72  72 GLU GLU A . n 
A 1 73  GLN 73  73  73 GLN GLN A . n 
A 1 74  TYR 74  74  74 TYR TYR A . n 
A 1 75  PHE 75  75  75 PHE PHE A . n 
A 1 76  VAL 76  76  76 VAL VAL A . n 
A 1 77  LEU 77  77  77 LEU LEU A . n 
A 1 78  LYS 78  78  78 LYS LYS A . n 
A 1 79  ASN 79  79  79 ASN ASN A . n 
A 1 80  LEU 80  80  80 LEU LEU A . n 
A 1 81  ALA 81  81  81 ALA ALA A . n 
A 1 82  ALA 82  82  82 ALA ALA A . n 
A 1 83  ARG 83  83  83 ARG ARG A . n 
A 1 84  ILE 84  84  84 ILE ILE A . n 
A 1 85  ASP 85  85  85 ASP ASP A . n 
A 1 86  GLU 86  86  86 GLU GLU A . n 
A 1 87  LEU 87  87  87 LEU LEU A . n 
A 1 88  VAL 88  88  88 VAL VAL A . n 
A 1 89  ALA 89  89  89 ALA ALA A . n 
A 1 90  ALA 90  90  90 ALA ALA A . n 
A 1 91  LYS 91  91  91 LYS LYS A . n 
A 1 92  GLY 92  92  92 GLY GLY A . n 
A 1 93  ALA 93  93  93 ALA ALA A . n 
A 1 94  LEU 94  94  94 LEU LEU A . n 
A 1 95  GLU 95  95  95 GLU GLU A . n 
A 1 96  HIS 96  96  ?  ?   ?   A . n 
A 1 97  HIS 97  97  ?  ?   ?   A . n 
A 1 98  HIS 98  98  ?  ?   ?   A . n 
A 1 99  HIS 99  99  ?  ?   ?   A . n 
A 1 100 HIS 100 100 ?  ?   ?   A . n 
A 1 101 HIS 101 101 ?  ?   ?   A . n 
# 
loop_
_pdbx_nonpoly_scheme.asym_id 
_pdbx_nonpoly_scheme.entity_id 
_pdbx_nonpoly_scheme.mon_id 
_pdbx_nonpoly_scheme.ndb_seq_num 
_pdbx_nonpoly_scheme.pdb_seq_num 
_pdbx_nonpoly_scheme.auth_seq_num 
_pdbx_nonpoly_scheme.pdb_mon_id 
_pdbx_nonpoly_scheme.auth_mon_id 
_pdbx_nonpoly_scheme.pdb_strand_id 
_pdbx_nonpoly_scheme.pdb_ins_code 
B 2 HOH 1  102 102 HOH HOH A . 
B 2 HOH 2  103 103 HOH HOH A . 
B 2 HOH 3  104 104 HOH HOH A . 
B 2 HOH 4  105 105 HOH HOH A . 
B 2 HOH 5  106 106 HOH HOH A . 
B 2 HOH 6  107 107 HOH HOH A . 
B 2 HOH 7  108 108 HOH HOH A . 
B 2 HOH 8  109 109 HOH HOH A . 
B 2 HOH 9  110 110 HOH HOH A . 
B 2 HOH 10 111 111 HOH HOH A . 
B 2 HOH 11 112 112 HOH HOH A . 
B 2 HOH 12 113 113 HOH HOH A . 
B 2 HOH 13 114 114 HOH HOH A . 
B 2 HOH 14 115 115 HOH HOH A . 
B 2 HOH 15 116 116 HOH HOH A . 
B 2 HOH 16 117 117 HOH HOH A . 
B 2 HOH 17 118 118 HOH HOH A . 
B 2 HOH 18 119 119 HOH HOH A . 
B 2 HOH 19 120 120 HOH HOH A . 
B 2 HOH 20 121 121 HOH HOH A . 
B 2 HOH 21 122 122 HOH HOH A . 
B 2 HOH 22 123 123 HOH HOH A . 
B 2 HOH 23 124 124 HOH HOH A . 
B 2 HOH 24 125 125 HOH HOH A . 
B 2 HOH 25 126 126 HOH HOH A . 
B 2 HOH 26 127 127 HOH HOH A . 
B 2 HOH 27 128 128 HOH HOH A . 
B 2 HOH 28 129 129 HOH HOH A . 
B 2 HOH 29 130 130 HOH HOH A . 
B 2 HOH 30 131 131 HOH HOH A . 
B 2 HOH 31 132 132 HOH HOH A . 
B 2 HOH 32 133 133 HOH HOH A . 
B 2 HOH 33 134 134 HOH HOH A . 
B 2 HOH 34 135 135 HOH HOH A . 
B 2 HOH 35 136 136 HOH HOH A . 
B 2 HOH 36 137 137 HOH HOH A . 
B 2 HOH 37 138 138 HOH HOH A . 
B 2 HOH 38 139 139 HOH HOH A . 
B 2 HOH 39 140 140 HOH HOH A . 
B 2 HOH 40 141 141 HOH HOH A . 
B 2 HOH 41 142 142 HOH HOH A . 
B 2 HOH 42 143 143 HOH HOH A . 
B 2 HOH 43 144 144 HOH HOH A . 
B 2 HOH 44 145 145 HOH HOH A . 
B 2 HOH 45 146 146 HOH HOH A . 
B 2 HOH 46 147 147 HOH HOH A . 
B 2 HOH 47 148 148 HOH HOH A . 
B 2 HOH 48 149 149 HOH HOH A . 
B 2 HOH 49 150 150 HOH HOH A . 
B 2 HOH 50 151 151 HOH HOH A . 
B 2 HOH 51 152 152 HOH HOH A . 
B 2 HOH 52 153 153 HOH HOH A . 
B 2 HOH 53 154 154 HOH HOH A . 
B 2 HOH 54 155 155 HOH HOH A . 
B 2 HOH 55 156 156 HOH HOH A . 
B 2 HOH 56 157 157 HOH HOH A . 
B 2 HOH 57 158 158 HOH HOH A . 
B 2 HOH 58 159 159 HOH HOH A . 
B 2 HOH 59 160 160 HOH HOH A . 
B 2 HOH 60 161 161 HOH HOH A . 
B 2 HOH 61 162 162 HOH HOH A . 
B 2 HOH 62 163 163 HOH HOH A . 
B 2 HOH 63 164 164 HOH HOH A . 
B 2 HOH 64 165 165 HOH HOH A . 
B 2 HOH 65 166 166 HOH HOH A . 
B 2 HOH 66 167 167 HOH HOH A . 
B 2 HOH 67 168 168 HOH HOH A . 
B 2 HOH 68 169 169 HOH HOH A . 
B 2 HOH 69 170 170 HOH HOH A . 
B 2 HOH 70 171 171 HOH HOH A . 
B 2 HOH 71 172 172 HOH HOH A . 
B 2 HOH 72 173 173 HOH HOH A . 
B 2 HOH 73 174 174 HOH HOH A . 
B 2 HOH 74 175 175 HOH HOH A . 
B 2 HOH 75 176 176 HOH HOH A . 
B 2 HOH 76 177 177 HOH HOH A . 
B 2 HOH 77 178 178 HOH HOH A . 
B 2 HOH 78 179 179 HOH HOH A . 
B 2 HOH 79 180 180 HOH HOH A . 
B 2 HOH 80 181 181 HOH HOH A . 
B 2 HOH 81 182 182 HOH HOH A . 
B 2 HOH 82 183 183 HOH HOH A . 
B 2 HOH 83 184 184 HOH HOH A . 
B 2 HOH 84 185 185 HOH HOH A . 
B 2 HOH 85 186 186 HOH HOH A . 
B 2 HOH 86 187 187 HOH HOH A . 
B 2 HOH 87 188 188 HOH HOH A . 
B 2 HOH 88 189 189 HOH HOH A . 
B 2 HOH 89 190 190 HOH HOH A . 
B 2 HOH 90 191 191 HOH HOH A . 
B 2 HOH 91 192 192 HOH HOH A . 
B 2 HOH 92 193 101 HOH HOH A . 
# 
loop_
_software.name 
_software.version 
_software.date 
_software.type 
_software.contact_author 
_software.contact_author_email 
_software.classification 
_software.location 
_software.language 
_software.citation_id 
_software.pdbx_ordinal 
CNS         '1.2 & XtalView' ?                 ?       ?                 ?                        refinement        ? ?          ? 
1 
PDB_EXTRACT 3.00             'March. 27, 2007' package PDB               sw-help@rcsb.rutgers.edu 'data extraction' 
http://pdb.rutgers.edu/software/ C++        ? 2 
MAR345dtb   .                ?                 ?       ?                 ?                        'data collection' ? ?          ? 
3 
DENZO       .                ?                 ?       ?                 ?                        'data reduction'  ? ?          ? 
4 
SCALEPACK   .                ?                 ?       ?                 ?                        'data scaling'    ? ?          ? 
5 
MOLREP      .                ?                 ?       ?                 ?                        phasing           ? ?          ? 
6 
REFMAC      .                ?                 program 'Murshudov, G.N.' ccp4@dl.ac.uk            refinement        
http://www.ccp4.ac.uk/main.html  Fortran_77 ? 7 
# 
_cell.entry_id           3LMO 
_cell.length_a           62.730 
_cell.length_b           62.730 
_cell.length_c           60.125 
_cell.angle_alpha        90.000 
_cell.angle_beta         90.000 
_cell.angle_gamma        120.000 
_cell.pdbx_unique_axis   ? 
_cell.Z_PDB              6 
_cell.length_a_esd       ? 
_cell.length_b_esd       ? 
_cell.length_c_esd       ? 
_cell.angle_alpha_esd    ? 
_cell.angle_beta_esd     ? 
_cell.angle_gamma_esd    ? 
# 
_symmetry.entry_id                         3LMO 
_symmetry.space_group_name_H-M             'P 32 2 1' 
_symmetry.Int_Tables_number                154 
_symmetry.pdbx_full_space_group_name_H-M   ? 
_symmetry.cell_setting                     ? 
_symmetry.space_group_name_Hall            ? 
# 
_exptl.crystals_number   1 
_exptl.entry_id          3LMO 
_exptl.method            'X-RAY DIFFRACTION' 
# 
_exptl_crystal.id                    1 
_exptl_crystal.density_Matthews      3.02 
_exptl_crystal.density_meas          ? 
_exptl_crystal.density_percent_sol   59.26 
_exptl_crystal.description           ? 
_exptl_crystal.F_000                 ? 
_exptl_crystal.preparation           ? 
# 
_exptl_crystal_grow.crystal_id      1 
_exptl_crystal_grow.method          'Microbatch, under oil' 
_exptl_crystal_grow.pH              4.2 
_exptl_crystal_grow.temp            277 
_exptl_crystal_grow.pdbx_details    
;Protein solution: 100mM NaCl, 5mM DTT, 0.02% NaN3, 10mM Tris-HCl (pH 7.5), Reservoir solution: 0.1M sodium Citrate (pH 4.2), 12% PEG 20k, and 0.1M lithium sulfate, Microbatch, under oil, temperature 277K
;
_exptl_crystal_grow.temp_details    ? 
_exptl_crystal_grow.pdbx_pH_range   ? 
# 
_diffrn.id                     1 
_diffrn.ambient_temp           100 
_diffrn.ambient_temp_details   ? 
_diffrn.crystal_id             1 
# 
_diffrn_detector.diffrn_id              1 
_diffrn_detector.detector               CCD 
_diffrn_detector.type                   'MARMOSAIC 325 mm CCD' 
_diffrn_detector.pdbx_collection_date   2009-06-17 
_diffrn_detector.details                mirrors 
# 
_diffrn_radiation.diffrn_id                        1 
_diffrn_radiation.pdbx_diffrn_protocol             'SINGLE WAVELENGTH' 
_diffrn_radiation.monochromator                    'Si 111 CHANNEL' 
_diffrn_radiation.wavelength_id                    1 
_diffrn_radiation.pdbx_monochromatic_or_laue_m_l   M 
_diffrn_radiation.pdbx_scattering_type             x-ray 
# 
_diffrn_radiation_wavelength.id           1 
_diffrn_radiation_wavelength.wavelength   0.97852 
_diffrn_radiation_wavelength.wt           1.0 
# 
_diffrn_source.diffrn_id                   1 
_diffrn_source.source                      SYNCHROTRON 
_diffrn_source.type                        'SSRL BEAMLINE BL9-2' 
_diffrn_source.pdbx_wavelength_list        0.97852 
_diffrn_source.pdbx_wavelength             ? 
_diffrn_source.pdbx_synchrotron_site       SSRL 
_diffrn_source.pdbx_synchrotron_beamline   BL9-2 
# 
_reflns.entry_id                     3LMO 
_reflns.B_iso_Wilson_estimate        11.600 
_reflns.observed_criterion_sigma_F   2 
_reflns.observed_criterion_sigma_I   2 
_reflns.d_resolution_high            2.0 
_reflns.d_resolution_low             30 
_reflns.number_all                   17893 
_reflns.number_obs                   16068 
_reflns.percent_possible_obs         89.8 
_reflns.pdbx_Rmerge_I_obs            0.033 
_reflns.pdbx_Rsym_value              0.032 
_reflns.pdbx_netI_over_sigmaI        51.2 
_reflns.pdbx_redundancy              6.9 
_reflns.R_free_details               ? 
_reflns.limit_h_max                  ? 
_reflns.limit_h_min                  ? 
_reflns.limit_k_max                  ? 
_reflns.limit_k_min                  ? 
_reflns.limit_l_max                  ? 
_reflns.limit_l_min                  ? 
_reflns.observed_criterion_F_max     ? 
_reflns.observed_criterion_F_min     ? 
_reflns.pdbx_chi_squared             ? 
_reflns.pdbx_scaling_rejects         ? 
_reflns.pdbx_ordinal                 1 
_reflns.pdbx_diffrn_id               1 
# 
_reflns_shell.d_res_high             2 
_reflns_shell.d_res_low              2.07 
_reflns_shell.percent_possible_obs   ? 
_reflns_shell.percent_possible_all   67.4 
_reflns_shell.Rmerge_I_obs           0.086 
_reflns_shell.meanI_over_sigI_obs    14.6 
_reflns_shell.pdbx_Rsym_value        0.089 
_reflns_shell.pdbx_redundancy        4.8 
_reflns_shell.number_unique_all      1219 
_reflns_shell.number_measured_all    ? 
_reflns_shell.number_measured_obs    ? 
_reflns_shell.number_unique_obs      ? 
_reflns_shell.pdbx_chi_squared       ? 
_reflns_shell.pdbx_ordinal           1 
_reflns_shell.pdbx_diffrn_id         1 
# 
_refine.entry_id                                 3LMO 
_refine.ls_d_res_high                            2.000 
_refine.ls_d_res_low                             19.430 
_refine.pdbx_ls_sigma_F                          2.00 
_refine.pdbx_data_cutoff_high_absF               720201.562 
_refine.pdbx_data_cutoff_low_absF                0.000 
_refine.ls_percent_reflns_obs                    89.900 
_refine.ls_number_reflns_obs                     16061 
_refine.pdbx_ls_cross_valid_method               THROUGHOUT 
_refine.pdbx_R_Free_selection_details            RANDOM 
_refine.ls_R_factor_R_work                       0.216 
_refine.ls_R_factor_R_free                       0.254 
_refine.ls_percent_reflns_R_free                 4.900 
_refine.ls_number_reflns_R_free                  784 
_refine.ls_R_factor_R_free_error                 0.009 
_refine.B_iso_mean                               31.400 
_refine.solvent_model_param_bsol                 78.295 
_refine.solvent_model_param_ksol                 0.450 
_refine.pdbx_isotropic_thermal_model             RESTRAINED 
_refine.aniso_B[1][1]                            4.850 
_refine.aniso_B[2][2]                            4.850 
_refine.aniso_B[3][3]                            -9.690 
_refine.aniso_B[1][2]                            0.000 
_refine.aniso_B[1][3]                            0.000 
_refine.aniso_B[2][3]                            0.000 
_refine.solvent_model_details                    'FLAT MODEL' 
_refine.pdbx_ls_sigma_I                          2 
_refine.ls_number_reflns_all                     17865 
_refine.ls_R_factor_all                          0.218 
_refine.ls_R_factor_obs                          0.217 
_refine.ls_redundancy_reflns_obs                 ? 
_refine.ls_number_parameters                     ? 
_refine.ls_number_restraints                     ? 
_refine.ls_R_factor_R_free_error_details         ? 
_refine.pdbx_method_to_determine_struct          'MOLECULAR REPLACEMENT' 
_refine.pdbx_starting_model                      ? 
_refine.pdbx_stereochem_target_val_spec_case     ? 
_refine.pdbx_stereochemistry_target_values       'Engh & Huber' 
_refine.occupancy_max                            ? 
_refine.occupancy_min                            ? 
_refine.details                                  ? 
_refine.B_iso_min                                ? 
_refine.B_iso_max                                ? 
_refine.correlation_coeff_Fo_to_Fc               ? 
_refine.correlation_coeff_Fo_to_Fc_free          ? 
_refine.pdbx_solvent_vdw_probe_radii             ? 
_refine.pdbx_solvent_ion_probe_radii             ? 
_refine.pdbx_solvent_shrinkage_radii             ? 
_refine.overall_SU_R_Cruickshank_DPI             ? 
_refine.overall_SU_R_free                        ? 
_refine.overall_SU_ML                            ? 
_refine.overall_SU_B                             ? 
_refine.pdbx_overall_ESU_R_Free                  ? 
_refine.pdbx_data_cutoff_high_rms_absF           ? 
_refine.pdbx_overall_ESU_R                       ? 
_refine.ls_wR_factor_R_free                      ? 
_refine.ls_wR_factor_R_work                      ? 
_refine.overall_FOM_free_R_set                   ? 
_refine.overall_FOM_work_R_set                   ? 
_refine.pdbx_overall_phase_error                 ? 
_refine.pdbx_refine_id                           'X-RAY DIFFRACTION' 
_refine.pdbx_diffrn_id                           1 
_refine.pdbx_TLS_residual_ADP_flag               ? 
_refine.pdbx_overall_SU_R_free_Cruickshank_DPI   ? 
_refine.pdbx_overall_SU_R_Blow_DPI               ? 
_refine.pdbx_overall_SU_R_free_Blow_DPI          ? 
# 
_refine_analyze.entry_id                        3LMO 
_refine_analyze.Luzzati_coordinate_error_obs    0.230 
_refine_analyze.Luzzati_sigma_a_obs             0.010 
_refine_analyze.Luzzati_d_res_low_obs           5.000 
_refine_analyze.Luzzati_coordinate_error_free   0.300 
_refine_analyze.Luzzati_sigma_a_free            0.110 
_refine_analyze.Luzzati_d_res_low_free          ? 
_refine_analyze.number_disordered_residues      ? 
_refine_analyze.occupancy_sum_non_hydrogen      ? 
_refine_analyze.occupancy_sum_hydrogen          ? 
_refine_analyze.pdbx_Luzzati_d_res_high_obs     ? 
_refine_analyze.pdbx_refine_id                  'X-RAY DIFFRACTION' 
# 
_refine_hist.pdbx_refine_id                   'X-RAY DIFFRACTION' 
_refine_hist.cycle_id                         LAST 
_refine_hist.pdbx_number_atoms_protein        728 
_refine_hist.pdbx_number_atoms_nucleic_acid   0 
_refine_hist.pdbx_number_atoms_ligand         0 
_refine_hist.number_atoms_solvent             92 
_refine_hist.number_atoms_total               820 
_refine_hist.d_res_high                       2.000 
_refine_hist.d_res_low                        19.430 
# 
loop_
_refine_ls_restr.type 
_refine_ls_restr.number 
_refine_ls_restr.dev_ideal 
_refine_ls_restr.dev_ideal_target 
_refine_ls_restr.weight 
_refine_ls_restr.pdbx_refine_id 
_refine_ls_restr.pdbx_restraint_function 
c_bond_d           ? 0.006  ? ? 'X-RAY DIFFRACTION' ? 
c_angle_deg        ? 1.000  ? ? 'X-RAY DIFFRACTION' ? 
c_dihedral_angle_d ? 19.600 ? ? 'X-RAY DIFFRACTION' ? 
c_improper_angle_d ? 0.770  ? ? 'X-RAY DIFFRACTION' ? 
# 
_refine_ls_shell.d_res_high                       2.000 
_refine_ls_shell.d_res_low                        2.070 
_refine_ls_shell.pdbx_total_number_of_bins_used   10 
_refine_ls_shell.percent_reflns_obs               67.100 
_refine_ls_shell.number_reflns_R_work             1106 
_refine_ls_shell.R_factor_all                     ? 
_refine_ls_shell.R_factor_R_work                  0.211 
_refine_ls_shell.R_factor_R_free                  0.257 
_refine_ls_shell.percent_reflns_R_free            7.900 
_refine_ls_shell.number_reflns_R_free             95 
_refine_ls_shell.R_factor_R_free_error            0.026 
_refine_ls_shell.number_reflns_all                ? 
_refine_ls_shell.number_reflns_obs                1201 
_refine_ls_shell.redundancy_reflns_obs            ? 
_refine_ls_shell.pdbx_refine_id                   'X-RAY DIFFRACTION' 
# 
_struct.entry_id                  3LMO 
_struct.title                     
;Crystal Structure of specialized acyl carrier protein (RPA2022) from Rhodopseudomonas palustris, Northeast Structural Genomics Consortium Target RpR324
;
_struct.pdbx_model_details        ? 
_struct.pdbx_CASP_flag            ? 
_struct.pdbx_model_type_details   ? 
# 
_struct_keywords.entry_id        3LMO 
_struct_keywords.text            
;alpha-beta protein, Structural Genomics, PSI-2, Protein Structure Initiative, Northeast Structural Genomics Consortium, NESG, Phosphopantetheine, TRANSFERASE
;
_struct_keywords.pdbx_keywords   TRANSFERASE 
# 
loop_
_struct_asym.id 
_struct_asym.pdbx_blank_PDB_chainid_flag 
_struct_asym.pdbx_modified 
_struct_asym.entity_id 
_struct_asym.details 
A N N 1 ? 
B N N 2 ? 
# 
_struct_ref.id                         1 
_struct_ref.db_name                    UNP 
_struct_ref.db_code                    Q6N882_RHOPA 
_struct_ref.pdbx_db_accession          Q6N882 
_struct_ref.entity_id                  1 
_struct_ref.pdbx_seq_one_letter_code   
;MTSTFDRVATIIAETCDIPRETITPESHAIDDLGIDSLDFLDIAFAIDKAFGIKLPLEKWTQEVNDGKATTEQYFVLKNL
AARIDELVAAKGA
;
_struct_ref.pdbx_align_begin           1 
_struct_ref.pdbx_db_isoform            ? 
# 
_struct_ref_seq.align_id                      1 
_struct_ref_seq.ref_id                        1 
_struct_ref_seq.pdbx_PDB_id_code              3LMO 
_struct_ref_seq.pdbx_strand_id                A 
_struct_ref_seq.seq_align_beg                 1 
_struct_ref_seq.pdbx_seq_align_beg_ins_code   ? 
_struct_ref_seq.seq_align_end                 93 
_struct_ref_seq.pdbx_seq_align_end_ins_code   ? 
_struct_ref_seq.pdbx_db_accession             Q6N882 
_struct_ref_seq.db_align_beg                  1 
_struct_ref_seq.pdbx_db_align_beg_ins_code    ? 
_struct_ref_seq.db_align_end                  93 
_struct_ref_seq.pdbx_db_align_end_ins_code    ? 
_struct_ref_seq.pdbx_auth_seq_align_beg       1 
_struct_ref_seq.pdbx_auth_seq_align_end       93 
# 
loop_
_struct_ref_seq_dif.align_id 
_struct_ref_seq_dif.pdbx_pdb_id_code 
_struct_ref_seq_dif.mon_id 
_struct_ref_seq_dif.pdbx_pdb_strand_id 
_struct_ref_seq_dif.seq_num 
_struct_ref_seq_dif.pdbx_pdb_ins_code 
_struct_ref_seq_dif.pdbx_seq_db_name 
_struct_ref_seq_dif.pdbx_seq_db_accession_code 
_struct_ref_seq_dif.db_mon_id 
_struct_ref_seq_dif.pdbx_seq_db_seq_num 
_struct_ref_seq_dif.details 
_struct_ref_seq_dif.pdbx_auth_seq_num 
_struct_ref_seq_dif.pdbx_ordinal 
1 3LMO LEU A 94  ? UNP Q6N882 ? ? 'expression tag' 94  1 
1 3LMO GLU A 95  ? UNP Q6N882 ? ? 'expression tag' 95  2 
1 3LMO HIS A 96  ? UNP Q6N882 ? ? 'expression tag' 96  3 
1 3LMO HIS A 97  ? UNP Q6N882 ? ? 'expression tag' 97  4 
1 3LMO HIS A 98  ? UNP Q6N882 ? ? 'expression tag' 98  5 
1 3LMO HIS A 99  ? UNP Q6N882 ? ? 'expression tag' 99  6 
1 3LMO HIS A 100 ? UNP Q6N882 ? ? 'expression tag' 100 7 
1 3LMO HIS A 101 ? UNP Q6N882 ? ? 'expression tag' 101 8 
# 
loop_
_pdbx_struct_assembly.id 
_pdbx_struct_assembly.details 
_pdbx_struct_assembly.method_details 
_pdbx_struct_assembly.oligomeric_details 
_pdbx_struct_assembly.oligomeric_count 
1 author_and_software_defined_assembly PISA dimeric   2 
2 author_defined_assembly              ?    monomeric 1 
# 
loop_
_pdbx_struct_assembly_prop.biol_id 
_pdbx_struct_assembly_prop.type 
_pdbx_struct_assembly_prop.value 
_pdbx_struct_assembly_prop.details 
1 'ABSA (A^2)' 1760 ? 
1 MORE         -12  ? 
1 'SSA (A^2)'  9650 ? 
# 
loop_
_pdbx_struct_assembly_gen.assembly_id 
_pdbx_struct_assembly_gen.oper_expression 
_pdbx_struct_assembly_gen.asym_id_list 
1 1,2 A,B 
2 1   A,B 
# 
_pdbx_struct_assembly_auth_evidence.id                     1 
_pdbx_struct_assembly_auth_evidence.assembly_id            2 
_pdbx_struct_assembly_auth_evidence.experimental_support   'light scattering' 
_pdbx_struct_assembly_auth_evidence.details                ? 
# 
loop_
_pdbx_struct_oper_list.id 
_pdbx_struct_oper_list.type 
_pdbx_struct_oper_list.name 
_pdbx_struct_oper_list.symmetry_operation 
_pdbx_struct_oper_list.matrix[1][1] 
_pdbx_struct_oper_list.matrix[1][2] 
_pdbx_struct_oper_list.matrix[1][3] 
_pdbx_struct_oper_list.vector[1] 
_pdbx_struct_oper_list.matrix[2][1] 
_pdbx_struct_oper_list.matrix[2][2] 
_pdbx_struct_oper_list.matrix[2][3] 
_pdbx_struct_oper_list.vector[2] 
_pdbx_struct_oper_list.matrix[3][1] 
_pdbx_struct_oper_list.matrix[3][2] 
_pdbx_struct_oper_list.matrix[3][3] 
_pdbx_struct_oper_list.vector[3] 
1 'identity operation'         1_555 x,y,z    1.0000000000 0.0000000000 0.0000000000  0.0000000000  0.0000000000 1.0000000000  0.0000000000  0.0000000000  0.0000000000  0.0000000000  1.0000000000  0.0000000000  
2 'crystal symmetry operation' 4_556 y,x,-z+1 0.4591208128 0.2821244062 -0.8423858372 -4.8190642897 0.2821244062 -0.9454505892 -0.1628772628 21.9000503983 -0.8423858372 -0.1628772628 -0.5136702235 -1.0126693138 
# 
_struct_biol.id        1 
_struct_biol.details   
'In the crystal, this protein is dimer, while the static light scatterring suggests that the protein is predominantly monomer.' 
# 
loop_
_struct_conf.conf_type_id 
_struct_conf.id 
_struct_conf.pdbx_PDB_helix_id 
_struct_conf.beg_label_comp_id 
_struct_conf.beg_label_asym_id 
_struct_conf.beg_label_seq_id 
_struct_conf.pdbx_beg_PDB_ins_code 
_struct_conf.end_label_comp_id 
_struct_conf.end_label_asym_id 
_struct_conf.end_label_seq_id 
_struct_conf.pdbx_end_PDB_ins_code 
_struct_conf.beg_auth_comp_id 
_struct_conf.beg_auth_asym_id 
_struct_conf.beg_auth_seq_id 
_struct_conf.end_auth_comp_id 
_struct_conf.end_auth_asym_id 
_struct_conf.end_auth_seq_id 
_struct_conf.pdbx_PDB_helix_class 
_struct_conf.details 
_struct_conf.pdbx_PDB_helix_length 
HELX_P HELX_P1 1 SER A 3  ? CYS A 16 ? SER A 3  CYS A 16 1 ? 14 
HELX_P HELX_P2 2 PRO A 19 ? ILE A 23 ? PRO A 19 ILE A 23 5 ? 5  
HELX_P HELX_P3 3 ASP A 36 ? GLY A 52 ? ASP A 36 GLY A 52 1 ? 17 
HELX_P HELX_P4 4 PRO A 56 ? ASP A 66 ? PRO A 56 ASP A 66 1 ? 11 
HELX_P HELX_P5 5 THR A 71 ? VAL A 76 ? THR A 71 VAL A 76 1 ? 6  
HELX_P HELX_P6 6 VAL A 76 ? GLU A 95 ? VAL A 76 GLU A 95 1 ? 20 
# 
_struct_conf_type.id          HELX_P 
_struct_conf_type.criteria    ? 
_struct_conf_type.reference   ? 
# 
_pdbx_validate_torsion.id              1 
_pdbx_validate_torsion.PDB_model_num   1 
_pdbx_validate_torsion.auth_comp_id    LEU 
_pdbx_validate_torsion.auth_asym_id    A 
_pdbx_validate_torsion.auth_seq_id     33 
_pdbx_validate_torsion.PDB_ins_code    ? 
_pdbx_validate_torsion.label_alt_id    ? 
_pdbx_validate_torsion.phi             57.84 
_pdbx_validate_torsion.psi             17.84 
# 
_pdbx_SG_project.id                    1 
_pdbx_SG_project.project_name          'PSI, Protein Structure Initiative' 
_pdbx_SG_project.full_name_of_center   'Northeast Structural Genomics Consortium' 
_pdbx_SG_project.initial_of_center     NESG 
# 
loop_
_pdbx_unobs_or_zero_occ_residues.id 
_pdbx_unobs_or_zero_occ_residues.PDB_model_num 
_pdbx_unobs_or_zero_occ_residues.polymer_flag 
_pdbx_unobs_or_zero_occ_residues.occupancy_flag 
_pdbx_unobs_or_zero_occ_residues.auth_asym_id 
_pdbx_unobs_or_zero_occ_residues.auth_comp_id 
_pdbx_unobs_or_zero_occ_residues.auth_seq_id 
_pdbx_unobs_or_zero_occ_residues.PDB_ins_code 
_pdbx_unobs_or_zero_occ_residues.label_asym_id 
_pdbx_unobs_or_zero_occ_residues.label_comp_id 
_pdbx_unobs_or_zero_occ_residues.label_seq_id 
1 1 Y 1 A MET 1   ? A MET 1   
2 1 Y 1 A HIS 96  ? A HIS 96  
3 1 Y 1 A HIS 97  ? A HIS 97  
4 1 Y 1 A HIS 98  ? A HIS 98  
5 1 Y 1 A HIS 99  ? A HIS 99  
6 1 Y 1 A HIS 100 ? A HIS 100 
7 1 Y 1 A HIS 101 ? A HIS 101 
# 
loop_
_chem_comp_atom.comp_id 
_chem_comp_atom.atom_id 
_chem_comp_atom.type_symbol 
_chem_comp_atom.pdbx_aromatic_flag 
_chem_comp_atom.pdbx_stereo_config 
_chem_comp_atom.pdbx_ordinal 
ALA N    N N N 1   
ALA CA   C N S 2   
ALA C    C N N 3   
ALA O    O N N 4   
ALA CB   C N N 5   
ALA OXT  O N N 6   
ALA H    H N N 7   
ALA H2   H N N 8   
ALA HA   H N N 9   
ALA HB1  H N N 10  
ALA HB2  H N N 11  
ALA HB3  H N N 12  
ALA HXT  H N N 13  
ARG N    N N N 14  
ARG CA   C N S 15  
ARG C    C N N 16  
ARG O    O N N 17  
ARG CB   C N N 18  
ARG CG   C N N 19  
ARG CD   C N N 20  
ARG NE   N N N 21  
ARG CZ   C N N 22  
ARG NH1  N N N 23  
ARG NH2  N N N 24  
ARG OXT  O N N 25  
ARG H    H N N 26  
ARG H2   H N N 27  
ARG HA   H N N 28  
ARG HB2  H N N 29  
ARG HB3  H N N 30  
ARG HG2  H N N 31  
ARG HG3  H N N 32  
ARG HD2  H N N 33  
ARG HD3  H N N 34  
ARG HE   H N N 35  
ARG HH11 H N N 36  
ARG HH12 H N N 37  
ARG HH21 H N N 38  
ARG HH22 H N N 39  
ARG HXT  H N N 40  
ASN N    N N N 41  
ASN CA   C N S 42  
ASN C    C N N 43  
ASN O    O N N 44  
ASN CB   C N N 45  
ASN CG   C N N 46  
ASN OD1  O N N 47  
ASN ND2  N N N 48  
ASN OXT  O N N 49  
ASN H    H N N 50  
ASN H2   H N N 51  
ASN HA   H N N 52  
ASN HB2  H N N 53  
ASN HB3  H N N 54  
ASN HD21 H N N 55  
ASN HD22 H N N 56  
ASN HXT  H N N 57  
ASP N    N N N 58  
ASP CA   C N S 59  
ASP C    C N N 60  
ASP O    O N N 61  
ASP CB   C N N 62  
ASP CG   C N N 63  
ASP OD1  O N N 64  
ASP OD2  O N N 65  
ASP OXT  O N N 66  
ASP H    H N N 67  
ASP H2   H N N 68  
ASP HA   H N N 69  
ASP HB2  H N N 70  
ASP HB3  H N N 71  
ASP HD2  H N N 72  
ASP HXT  H N N 73  
CYS N    N N N 74  
CYS CA   C N R 75  
CYS C    C N N 76  
CYS O    O N N 77  
CYS CB   C N N 78  
CYS SG   S N N 79  
CYS OXT  O N N 80  
CYS H    H N N 81  
CYS H2   H N N 82  
CYS HA   H N N 83  
CYS HB2  H N N 84  
CYS HB3  H N N 85  
CYS HG   H N N 86  
CYS HXT  H N N 87  
GLN N    N N N 88  
GLN CA   C N S 89  
GLN C    C N N 90  
GLN O    O N N 91  
GLN CB   C N N 92  
GLN CG   C N N 93  
GLN CD   C N N 94  
GLN OE1  O N N 95  
GLN NE2  N N N 96  
GLN OXT  O N N 97  
GLN H    H N N 98  
GLN H2   H N N 99  
GLN HA   H N N 100 
GLN HB2  H N N 101 
GLN HB3  H N N 102 
GLN HG2  H N N 103 
GLN HG3  H N N 104 
GLN HE21 H N N 105 
GLN HE22 H N N 106 
GLN HXT  H N N 107 
GLU N    N N N 108 
GLU CA   C N S 109 
GLU C    C N N 110 
GLU O    O N N 111 
GLU CB   C N N 112 
GLU CG   C N N 113 
GLU CD   C N N 114 
GLU OE1  O N N 115 
GLU OE2  O N N 116 
GLU OXT  O N N 117 
GLU H    H N N 118 
GLU H2   H N N 119 
GLU HA   H N N 120 
GLU HB2  H N N 121 
GLU HB3  H N N 122 
GLU HG2  H N N 123 
GLU HG3  H N N 124 
GLU HE2  H N N 125 
GLU HXT  H N N 126 
GLY N    N N N 127 
GLY CA   C N N 128 
GLY C    C N N 129 
GLY O    O N N 130 
GLY OXT  O N N 131 
GLY H    H N N 132 
GLY H2   H N N 133 
GLY HA2  H N N 134 
GLY HA3  H N N 135 
GLY HXT  H N N 136 
HIS N    N N N 137 
HIS CA   C N S 138 
HIS C    C N N 139 
HIS O    O N N 140 
HIS CB   C N N 141 
HIS CG   C Y N 142 
HIS ND1  N Y N 143 
HIS CD2  C Y N 144 
HIS CE1  C Y N 145 
HIS NE2  N Y N 146 
HIS OXT  O N N 147 
HIS H    H N N 148 
HIS H2   H N N 149 
HIS HA   H N N 150 
HIS HB2  H N N 151 
HIS HB3  H N N 152 
HIS HD1  H N N 153 
HIS HD2  H N N 154 
HIS HE1  H N N 155 
HIS HE2  H N N 156 
HIS HXT  H N N 157 
HOH O    O N N 158 
HOH H1   H N N 159 
HOH H2   H N N 160 
ILE N    N N N 161 
ILE CA   C N S 162 
ILE C    C N N 163 
ILE O    O N N 164 
ILE CB   C N S 165 
ILE CG1  C N N 166 
ILE CG2  C N N 167 
ILE CD1  C N N 168 
ILE OXT  O N N 169 
ILE H    H N N 170 
ILE H2   H N N 171 
ILE HA   H N N 172 
ILE HB   H N N 173 
ILE HG12 H N N 174 
ILE HG13 H N N 175 
ILE HG21 H N N 176 
ILE HG22 H N N 177 
ILE HG23 H N N 178 
ILE HD11 H N N 179 
ILE HD12 H N N 180 
ILE HD13 H N N 181 
ILE HXT  H N N 182 
LEU N    N N N 183 
LEU CA   C N S 184 
LEU C    C N N 185 
LEU O    O N N 186 
LEU CB   C N N 187 
LEU CG   C N N 188 
LEU CD1  C N N 189 
LEU CD2  C N N 190 
LEU OXT  O N N 191 
LEU H    H N N 192 
LEU H2   H N N 193 
LEU HA   H N N 194 
LEU HB2  H N N 195 
LEU HB3  H N N 196 
LEU HG   H N N 197 
LEU HD11 H N N 198 
LEU HD12 H N N 199 
LEU HD13 H N N 200 
LEU HD21 H N N 201 
LEU HD22 H N N 202 
LEU HD23 H N N 203 
LEU HXT  H N N 204 
LYS N    N N N 205 
LYS CA   C N S 206 
LYS C    C N N 207 
LYS O    O N N 208 
LYS CB   C N N 209 
LYS CG   C N N 210 
LYS CD   C N N 211 
LYS CE   C N N 212 
LYS NZ   N N N 213 
LYS OXT  O N N 214 
LYS H    H N N 215 
LYS H2   H N N 216 
LYS HA   H N N 217 
LYS HB2  H N N 218 
LYS HB3  H N N 219 
LYS HG2  H N N 220 
LYS HG3  H N N 221 
LYS HD2  H N N 222 
LYS HD3  H N N 223 
LYS HE2  H N N 224 
LYS HE3  H N N 225 
LYS HZ1  H N N 226 
LYS HZ2  H N N 227 
LYS HZ3  H N N 228 
LYS HXT  H N N 229 
MET N    N N N 230 
MET CA   C N S 231 
MET C    C N N 232 
MET O    O N N 233 
MET CB   C N N 234 
MET CG   C N N 235 
MET SD   S N N 236 
MET CE   C N N 237 
MET OXT  O N N 238 
MET H    H N N 239 
MET H2   H N N 240 
MET HA   H N N 241 
MET HB2  H N N 242 
MET HB3  H N N 243 
MET HG2  H N N 244 
MET HG3  H N N 245 
MET HE1  H N N 246 
MET HE2  H N N 247 
MET HE3  H N N 248 
MET HXT  H N N 249 
PHE N    N N N 250 
PHE CA   C N S 251 
PHE C    C N N 252 
PHE O    O N N 253 
PHE CB   C N N 254 
PHE CG   C Y N 255 
PHE CD1  C Y N 256 
PHE CD2  C Y N 257 
PHE CE1  C Y N 258 
PHE CE2  C Y N 259 
PHE CZ   C Y N 260 
PHE OXT  O N N 261 
PHE H    H N N 262 
PHE H2   H N N 263 
PHE HA   H N N 264 
PHE HB2  H N N 265 
PHE HB3  H N N 266 
PHE HD1  H N N 267 
PHE HD2  H N N 268 
PHE HE1  H N N 269 
PHE HE2  H N N 270 
PHE HZ   H N N 271 
PHE HXT  H N N 272 
PRO N    N N N 273 
PRO CA   C N S 274 
PRO C    C N N 275 
PRO O    O N N 276 
PRO CB   C N N 277 
PRO CG   C N N 278 
PRO CD   C N N 279 
PRO OXT  O N N 280 
PRO H    H N N 281 
PRO HA   H N N 282 
PRO HB2  H N N 283 
PRO HB3  H N N 284 
PRO HG2  H N N 285 
PRO HG3  H N N 286 
PRO HD2  H N N 287 
PRO HD3  H N N 288 
PRO HXT  H N N 289 
SER N    N N N 290 
SER CA   C N S 291 
SER C    C N N 292 
SER O    O N N 293 
SER CB   C N N 294 
SER OG   O N N 295 
SER OXT  O N N 296 
SER H    H N N 297 
SER H2   H N N 298 
SER HA   H N N 299 
SER HB2  H N N 300 
SER HB3  H N N 301 
SER HG   H N N 302 
SER HXT  H N N 303 
THR N    N N N 304 
THR CA   C N S 305 
THR C    C N N 306 
THR O    O N N 307 
THR CB   C N R 308 
THR OG1  O N N 309 
THR CG2  C N N 310 
THR OXT  O N N 311 
THR H    H N N 312 
THR H2   H N N 313 
THR HA   H N N 314 
THR HB   H N N 315 
THR HG1  H N N 316 
THR HG21 H N N 317 
THR HG22 H N N 318 
THR HG23 H N N 319 
THR HXT  H N N 320 
TRP N    N N N 321 
TRP CA   C N S 322 
TRP C    C N N 323 
TRP O    O N N 324 
TRP CB   C N N 325 
TRP CG   C Y N 326 
TRP CD1  C Y N 327 
TRP CD2  C Y N 328 
TRP NE1  N Y N 329 
TRP CE2  C Y N 330 
TRP CE3  C Y N 331 
TRP CZ2  C Y N 332 
TRP CZ3  C Y N 333 
TRP CH2  C Y N 334 
TRP OXT  O N N 335 
TRP H    H N N 336 
TRP H2   H N N 337 
TRP HA   H N N 338 
TRP HB2  H N N 339 
TRP HB3  H N N 340 
TRP HD1  H N N 341 
TRP HE1  H N N 342 
TRP HE3  H N N 343 
TRP HZ2  H N N 344 
TRP HZ3  H N N 345 
TRP HH2  H N N 346 
TRP HXT  H N N 347 
TYR N    N N N 348 
TYR CA   C N S 349 
TYR C    C N N 350 
TYR O    O N N 351 
TYR CB   C N N 352 
TYR CG   C Y N 353 
TYR CD1  C Y N 354 
TYR CD2  C Y N 355 
TYR CE1  C Y N 356 
TYR CE2  C Y N 357 
TYR CZ   C Y N 358 
TYR OH   O N N 359 
TYR OXT  O N N 360 
TYR H    H N N 361 
TYR H2   H N N 362 
TYR HA   H N N 363 
TYR HB2  H N N 364 
TYR HB3  H N N 365 
TYR HD1  H N N 366 
TYR HD2  H N N 367 
TYR HE1  H N N 368 
TYR HE2  H N N 369 
TYR HH   H N N 370 
TYR HXT  H N N 371 
VAL N    N N N 372 
VAL CA   C N S 373 
VAL C    C N N 374 
VAL O    O N N 375 
VAL CB   C N N 376 
VAL CG1  C N N 377 
VAL CG2  C N N 378 
VAL OXT  O N N 379 
VAL H    H N N 380 
VAL H2   H N N 381 
VAL HA   H N N 382 
VAL HB   H N N 383 
VAL HG11 H N N 384 
VAL HG12 H N N 385 
VAL HG13 H N N 386 
VAL HG21 H N N 387 
VAL HG22 H N N 388 
VAL HG23 H N N 389 
VAL HXT  H N N 390 
# 
loop_
_chem_comp_bond.comp_id 
_chem_comp_bond.atom_id_1 
_chem_comp_bond.atom_id_2 
_chem_comp_bond.value_order 
_chem_comp_bond.pdbx_aromatic_flag 
_chem_comp_bond.pdbx_stereo_config 
_chem_comp_bond.pdbx_ordinal 
ALA N   CA   sing N N 1   
ALA N   H    sing N N 2   
ALA N   H2   sing N N 3   
ALA CA  C    sing N N 4   
ALA CA  CB   sing N N 5   
ALA CA  HA   sing N N 6   
ALA C   O    doub N N 7   
ALA C   OXT  sing N N 8   
ALA CB  HB1  sing N N 9   
ALA CB  HB2  sing N N 10  
ALA CB  HB3  sing N N 11  
ALA OXT HXT  sing N N 12  
ARG N   CA   sing N N 13  
ARG N   H    sing N N 14  
ARG N   H2   sing N N 15  
ARG CA  C    sing N N 16  
ARG CA  CB   sing N N 17  
ARG CA  HA   sing N N 18  
ARG C   O    doub N N 19  
ARG C   OXT  sing N N 20  
ARG CB  CG   sing N N 21  
ARG CB  HB2  sing N N 22  
ARG CB  HB3  sing N N 23  
ARG CG  CD   sing N N 24  
ARG CG  HG2  sing N N 25  
ARG CG  HG3  sing N N 26  
ARG CD  NE   sing N N 27  
ARG CD  HD2  sing N N 28  
ARG CD  HD3  sing N N 29  
ARG NE  CZ   sing N N 30  
ARG NE  HE   sing N N 31  
ARG CZ  NH1  sing N N 32  
ARG CZ  NH2  doub N N 33  
ARG NH1 HH11 sing N N 34  
ARG NH1 HH12 sing N N 35  
ARG NH2 HH21 sing N N 36  
ARG NH2 HH22 sing N N 37  
ARG OXT HXT  sing N N 38  
ASN N   CA   sing N N 39  
ASN N   H    sing N N 40  
ASN N   H2   sing N N 41  
ASN CA  C    sing N N 42  
ASN CA  CB   sing N N 43  
ASN CA  HA   sing N N 44  
ASN C   O    doub N N 45  
ASN C   OXT  sing N N 46  
ASN CB  CG   sing N N 47  
ASN CB  HB2  sing N N 48  
ASN CB  HB3  sing N N 49  
ASN CG  OD1  doub N N 50  
ASN CG  ND2  sing N N 51  
ASN ND2 HD21 sing N N 52  
ASN ND2 HD22 sing N N 53  
ASN OXT HXT  sing N N 54  
ASP N   CA   sing N N 55  
ASP N   H    sing N N 56  
ASP N   H2   sing N N 57  
ASP CA  C    sing N N 58  
ASP CA  CB   sing N N 59  
ASP CA  HA   sing N N 60  
ASP C   O    doub N N 61  
ASP C   OXT  sing N N 62  
ASP CB  CG   sing N N 63  
ASP CB  HB2  sing N N 64  
ASP CB  HB3  sing N N 65  
ASP CG  OD1  doub N N 66  
ASP CG  OD2  sing N N 67  
ASP OD2 HD2  sing N N 68  
ASP OXT HXT  sing N N 69  
CYS N   CA   sing N N 70  
CYS N   H    sing N N 71  
CYS N   H2   sing N N 72  
CYS CA  C    sing N N 73  
CYS CA  CB   sing N N 74  
CYS CA  HA   sing N N 75  
CYS C   O    doub N N 76  
CYS C   OXT  sing N N 77  
CYS CB  SG   sing N N 78  
CYS CB  HB2  sing N N 79  
CYS CB  HB3  sing N N 80  
CYS SG  HG   sing N N 81  
CYS OXT HXT  sing N N 82  
GLN N   CA   sing N N 83  
GLN N   H    sing N N 84  
GLN N   H2   sing N N 85  
GLN CA  C    sing N N 86  
GLN CA  CB   sing N N 87  
GLN CA  HA   sing N N 88  
GLN C   O    doub N N 89  
GLN C   OXT  sing N N 90  
GLN CB  CG   sing N N 91  
GLN CB  HB2  sing N N 92  
GLN CB  HB3  sing N N 93  
GLN CG  CD   sing N N 94  
GLN CG  HG2  sing N N 95  
GLN CG  HG3  sing N N 96  
GLN CD  OE1  doub N N 97  
GLN CD  NE2  sing N N 98  
GLN NE2 HE21 sing N N 99  
GLN NE2 HE22 sing N N 100 
GLN OXT HXT  sing N N 101 
GLU N   CA   sing N N 102 
GLU N   H    sing N N 103 
GLU N   H2   sing N N 104 
GLU CA  C    sing N N 105 
GLU CA  CB   sing N N 106 
GLU CA  HA   sing N N 107 
GLU C   O    doub N N 108 
GLU C   OXT  sing N N 109 
GLU CB  CG   sing N N 110 
GLU CB  HB2  sing N N 111 
GLU CB  HB3  sing N N 112 
GLU CG  CD   sing N N 113 
GLU CG  HG2  sing N N 114 
GLU CG  HG3  sing N N 115 
GLU CD  OE1  doub N N 116 
GLU CD  OE2  sing N N 117 
GLU OE2 HE2  sing N N 118 
GLU OXT HXT  sing N N 119 
GLY N   CA   sing N N 120 
GLY N   H    sing N N 121 
GLY N   H2   sing N N 122 
GLY CA  C    sing N N 123 
GLY CA  HA2  sing N N 124 
GLY CA  HA3  sing N N 125 
GLY C   O    doub N N 126 
GLY C   OXT  sing N N 127 
GLY OXT HXT  sing N N 128 
HIS N   CA   sing N N 129 
HIS N   H    sing N N 130 
HIS N   H2   sing N N 131 
HIS CA  C    sing N N 132 
HIS CA  CB   sing N N 133 
HIS CA  HA   sing N N 134 
HIS C   O    doub N N 135 
HIS C   OXT  sing N N 136 
HIS CB  CG   sing N N 137 
HIS CB  HB2  sing N N 138 
HIS CB  HB3  sing N N 139 
HIS CG  ND1  sing Y N 140 
HIS CG  CD2  doub Y N 141 
HIS ND1 CE1  doub Y N 142 
HIS ND1 HD1  sing N N 143 
HIS CD2 NE2  sing Y N 144 
HIS CD2 HD2  sing N N 145 
HIS CE1 NE2  sing Y N 146 
HIS CE1 HE1  sing N N 147 
HIS NE2 HE2  sing N N 148 
HIS OXT HXT  sing N N 149 
HOH O   H1   sing N N 150 
HOH O   H2   sing N N 151 
ILE N   CA   sing N N 152 
ILE N   H    sing N N 153 
ILE N   H2   sing N N 154 
ILE CA  C    sing N N 155 
ILE CA  CB   sing N N 156 
ILE CA  HA   sing N N 157 
ILE C   O    doub N N 158 
ILE C   OXT  sing N N 159 
ILE CB  CG1  sing N N 160 
ILE CB  CG2  sing N N 161 
ILE CB  HB   sing N N 162 
ILE CG1 CD1  sing N N 163 
ILE CG1 HG12 sing N N 164 
ILE CG1 HG13 sing N N 165 
ILE CG2 HG21 sing N N 166 
ILE CG2 HG22 sing N N 167 
ILE CG2 HG23 sing N N 168 
ILE CD1 HD11 sing N N 169 
ILE CD1 HD12 sing N N 170 
ILE CD1 HD13 sing N N 171 
ILE OXT HXT  sing N N 172 
LEU N   CA   sing N N 173 
LEU N   H    sing N N 174 
LEU N   H2   sing N N 175 
LEU CA  C    sing N N 176 
LEU CA  CB   sing N N 177 
LEU CA  HA   sing N N 178 
LEU C   O    doub N N 179 
LEU C   OXT  sing N N 180 
LEU CB  CG   sing N N 181 
LEU CB  HB2  sing N N 182 
LEU CB  HB3  sing N N 183 
LEU CG  CD1  sing N N 184 
LEU CG  CD2  sing N N 185 
LEU CG  HG   sing N N 186 
LEU CD1 HD11 sing N N 187 
LEU CD1 HD12 sing N N 188 
LEU CD1 HD13 sing N N 189 
LEU CD2 HD21 sing N N 190 
LEU CD2 HD22 sing N N 191 
LEU CD2 HD23 sing N N 192 
LEU OXT HXT  sing N N 193 
LYS N   CA   sing N N 194 
LYS N   H    sing N N 195 
LYS N   H2   sing N N 196 
LYS CA  C    sing N N 197 
LYS CA  CB   sing N N 198 
LYS CA  HA   sing N N 199 
LYS C   O    doub N N 200 
LYS C   OXT  sing N N 201 
LYS CB  CG   sing N N 202 
LYS CB  HB2  sing N N 203 
LYS CB  HB3  sing N N 204 
LYS CG  CD   sing N N 205 
LYS CG  HG2  sing N N 206 
LYS CG  HG3  sing N N 207 
LYS CD  CE   sing N N 208 
LYS CD  HD2  sing N N 209 
LYS CD  HD3  sing N N 210 
LYS CE  NZ   sing N N 211 
LYS CE  HE2  sing N N 212 
LYS CE  HE3  sing N N 213 
LYS NZ  HZ1  sing N N 214 
LYS NZ  HZ2  sing N N 215 
LYS NZ  HZ3  sing N N 216 
LYS OXT HXT  sing N N 217 
MET N   CA   sing N N 218 
MET N   H    sing N N 219 
MET N   H2   sing N N 220 
MET CA  C    sing N N 221 
MET CA  CB   sing N N 222 
MET CA  HA   sing N N 223 
MET C   O    doub N N 224 
MET C   OXT  sing N N 225 
MET CB  CG   sing N N 226 
MET CB  HB2  sing N N 227 
MET CB  HB3  sing N N 228 
MET CG  SD   sing N N 229 
MET CG  HG2  sing N N 230 
MET CG  HG3  sing N N 231 
MET SD  CE   sing N N 232 
MET CE  HE1  sing N N 233 
MET CE  HE2  sing N N 234 
MET CE  HE3  sing N N 235 
MET OXT HXT  sing N N 236 
PHE N   CA   sing N N 237 
PHE N   H    sing N N 238 
PHE N   H2   sing N N 239 
PHE CA  C    sing N N 240 
PHE CA  CB   sing N N 241 
PHE CA  HA   sing N N 242 
PHE C   O    doub N N 243 
PHE C   OXT  sing N N 244 
PHE CB  CG   sing N N 245 
PHE CB  HB2  sing N N 246 
PHE CB  HB3  sing N N 247 
PHE CG  CD1  doub Y N 248 
PHE CG  CD2  sing Y N 249 
PHE CD1 CE1  sing Y N 250 
PHE CD1 HD1  sing N N 251 
PHE CD2 CE2  doub Y N 252 
PHE CD2 HD2  sing N N 253 
PHE CE1 CZ   doub Y N 254 
PHE CE1 HE1  sing N N 255 
PHE CE2 CZ   sing Y N 256 
PHE CE2 HE2  sing N N 257 
PHE CZ  HZ   sing N N 258 
PHE OXT HXT  sing N N 259 
PRO N   CA   sing N N 260 
PRO N   CD   sing N N 261 
PRO N   H    sing N N 262 
PRO CA  C    sing N N 263 
PRO CA  CB   sing N N 264 
PRO CA  HA   sing N N 265 
PRO C   O    doub N N 266 
PRO C   OXT  sing N N 267 
PRO CB  CG   sing N N 268 
PRO CB  HB2  sing N N 269 
PRO CB  HB3  sing N N 270 
PRO CG  CD   sing N N 271 
PRO CG  HG2  sing N N 272 
PRO CG  HG3  sing N N 273 
PRO CD  HD2  sing N N 274 
PRO CD  HD3  sing N N 275 
PRO OXT HXT  sing N N 276 
SER N   CA   sing N N 277 
SER N   H    sing N N 278 
SER N   H2   sing N N 279 
SER CA  C    sing N N 280 
SER CA  CB   sing N N 281 
SER CA  HA   sing N N 282 
SER C   O    doub N N 283 
SER C   OXT  sing N N 284 
SER CB  OG   sing N N 285 
SER CB  HB2  sing N N 286 
SER CB  HB3  sing N N 287 
SER OG  HG   sing N N 288 
SER OXT HXT  sing N N 289 
THR N   CA   sing N N 290 
THR N   H    sing N N 291 
THR N   H2   sing N N 292 
THR CA  C    sing N N 293 
THR CA  CB   sing N N 294 
THR CA  HA   sing N N 295 
THR C   O    doub N N 296 
THR C   OXT  sing N N 297 
THR CB  OG1  sing N N 298 
THR CB  CG2  sing N N 299 
THR CB  HB   sing N N 300 
THR OG1 HG1  sing N N 301 
THR CG2 HG21 sing N N 302 
THR CG2 HG22 sing N N 303 
THR CG2 HG23 sing N N 304 
THR OXT HXT  sing N N 305 
TRP N   CA   sing N N 306 
TRP N   H    sing N N 307 
TRP N   H2   sing N N 308 
TRP CA  C    sing N N 309 
TRP CA  CB   sing N N 310 
TRP CA  HA   sing N N 311 
TRP C   O    doub N N 312 
TRP C   OXT  sing N N 313 
TRP CB  CG   sing N N 314 
TRP CB  HB2  sing N N 315 
TRP CB  HB3  sing N N 316 
TRP CG  CD1  doub Y N 317 
TRP CG  CD2  sing Y N 318 
TRP CD1 NE1  sing Y N 319 
TRP CD1 HD1  sing N N 320 
TRP CD2 CE2  doub Y N 321 
TRP CD2 CE3  sing Y N 322 
TRP NE1 CE2  sing Y N 323 
TRP NE1 HE1  sing N N 324 
TRP CE2 CZ2  sing Y N 325 
TRP CE3 CZ3  doub Y N 326 
TRP CE3 HE3  sing N N 327 
TRP CZ2 CH2  doub Y N 328 
TRP CZ2 HZ2  sing N N 329 
TRP CZ3 CH2  sing Y N 330 
TRP CZ3 HZ3  sing N N 331 
TRP CH2 HH2  sing N N 332 
TRP OXT HXT  sing N N 333 
TYR N   CA   sing N N 334 
TYR N   H    sing N N 335 
TYR N   H2   sing N N 336 
TYR CA  C    sing N N 337 
TYR CA  CB   sing N N 338 
TYR CA  HA   sing N N 339 
TYR C   O    doub N N 340 
TYR C   OXT  sing N N 341 
TYR CB  CG   sing N N 342 
TYR CB  HB2  sing N N 343 
TYR CB  HB3  sing N N 344 
TYR CG  CD1  doub Y N 345 
TYR CG  CD2  sing Y N 346 
TYR CD1 CE1  sing Y N 347 
TYR CD1 HD1  sing N N 348 
TYR CD2 CE2  doub Y N 349 
TYR CD2 HD2  sing N N 350 
TYR CE1 CZ   doub Y N 351 
TYR CE1 HE1  sing N N 352 
TYR CE2 CZ   sing Y N 353 
TYR CE2 HE2  sing N N 354 
TYR CZ  OH   sing N N 355 
TYR OH  HH   sing N N 356 
TYR OXT HXT  sing N N 357 
VAL N   CA   sing N N 358 
VAL N   H    sing N N 359 
VAL N   H2   sing N N 360 
VAL CA  C    sing N N 361 
VAL CA  CB   sing N N 362 
VAL CA  HA   sing N N 363 
VAL C   O    doub N N 364 
VAL C   OXT  sing N N 365 
VAL CB  CG1  sing N N 366 
VAL CB  CG2  sing N N 367 
VAL CB  HB   sing N N 368 
VAL CG1 HG11 sing N N 369 
VAL CG1 HG12 sing N N 370 
VAL CG1 HG13 sing N N 371 
VAL CG2 HG21 sing N N 372 
VAL CG2 HG22 sing N N 373 
VAL CG2 HG23 sing N N 374 
VAL OXT HXT  sing N N 375 
# 
_atom_sites.entry_id                    3LMO 
_atom_sites.fract_transf_matrix[1][1]   -0.01224326 
_atom_sites.fract_transf_matrix[1][2]   -0.01170897 
_atom_sites.fract_transf_matrix[1][3]   0.00719941 
_atom_sites.fract_transf_matrix[2][1]   -0.01498883 
_atom_sites.fract_transf_matrix[2][2]   0.00644378 
_atom_sites.fract_transf_matrix[2][3]   0.00852234 
_atom_sites.fract_transf_matrix[3][1]   -0.00828574 
_atom_sites.fract_transf_matrix[3][2]   -0.00020233 
_atom_sites.fract_transf_matrix[3][3]   -0.01441974 
_atom_sites.fract_transf_vector[1]      0.668853 
_atom_sites.fract_transf_vector[2]      0.464117 
_atom_sites.fract_transf_vector[3]      0.474949 
# 
loop_
_atom_type.symbol 
C 
N 
O 
S 
# 
loop_
_atom_site.group_PDB 
_atom_site.id 
_atom_site.type_symbol 
_atom_site.label_atom_id 
_atom_site.label_alt_id 
_atom_site.label_comp_id 
_atom_site.label_asym_id 
_atom_site.label_entity_id 
_atom_site.label_seq_id 
_atom_site.pdbx_PDB_ins_code 
_atom_site.Cartn_x 
_atom_site.Cartn_y 
_atom_site.Cartn_z 
_atom_site.occupancy 
_atom_site.B_iso_or_equiv 
_atom_site.pdbx_formal_charge 
_atom_site.auth_seq_id 
_atom_site.auth_comp_id 
_atom_site.auth_asym_id 
_atom_site.auth_atom_id 
_atom_site.pdbx_PDB_model_num 
ATOM   1   N N   . THR A 1 2  ? 9.932   -13.300 4.521   1.00 31.03 ? 2   THR A N   1 
ATOM   2   C CA  . THR A 1 2  ? 8.614   -12.725 4.935   1.00 31.87 ? 2   THR A CA  1 
ATOM   3   C C   . THR A 1 2  ? 7.936   -12.152 3.693   1.00 30.53 ? 2   THR A C   1 
ATOM   4   O O   . THR A 1 2  ? 8.550   -11.388 2.948   1.00 30.63 ? 2   THR A O   1 
ATOM   5   C CB  . THR A 1 2  ? 8.815   -11.590 5.970   1.00 33.24 ? 2   THR A CB  1 
ATOM   6   O OG1 . THR A 1 2  ? 9.567   -12.087 7.090   1.00 34.87 ? 2   THR A OG1 1 
ATOM   7   C CG2 . THR A 1 2  ? 7.471   -11.069 6.458   1.00 24.94 ? 2   THR A CG2 1 
ATOM   8   N N   . SER A 1 3  ? 6.674   -12.513 3.474   1.00 25.91 ? 3   SER A N   1 
ATOM   9   C CA  . SER A 1 3  ? 5.941   -12.028 2.303   1.00 26.40 ? 3   SER A CA  1 
ATOM   10  C C   . SER A 1 3  ? 5.740   -10.519 2.337   1.00 21.96 ? 3   SER A C   1 
ATOM   11  O O   . SER A 1 3  ? 5.719   -9.903  3.405   1.00 19.15 ? 3   SER A O   1 
ATOM   12  C CB  . SER A 1 3  ? 4.570   -12.699 2.202   1.00 25.38 ? 3   SER A CB  1 
ATOM   13  O OG  . SER A 1 3  ? 3.708   -12.214 3.218   1.00 27.49 ? 3   SER A OG  1 
ATOM   14  N N   . THR A 1 4  ? 5.586   -9.933  1.155   1.00 19.31 ? 4   THR A N   1 
ATOM   15  C CA  . THR A 1 4  ? 5.370   -8.503  1.039   1.00 21.74 ? 4   THR A CA  1 
ATOM   16  C C   . THR A 1 4  ? 4.083   -8.118  1.767   1.00 19.31 ? 4   THR A C   1 
ATOM   17  O O   . THR A 1 4  ? 4.054   -7.127  2.499   1.00 18.05 ? 4   THR A O   1 
ATOM   18  C CB  . THR A 1 4  ? 5.272   -8.075  -0.435  1.00 22.67 ? 4   THR A CB  1 
ATOM   19  O OG1 . THR A 1 4  ? 6.492   -8.421  -1.100  1.00 21.86 ? 4   THR A OG1 1 
ATOM   20  C CG2 . THR A 1 4  ? 5.044   -6.569  -0.539  1.00 15.13 ? 4   THR A CG2 1 
ATOM   21  N N   . PHE A 1 5  ? 3.024   -8.907  1.591   1.00 16.84 ? 5   PHE A N   1 
ATOM   22  C CA  . PHE A 1 5  ? 1.775   -8.591  2.268   1.00 21.58 ? 5   PHE A CA  1 
ATOM   23  C C   . PHE A 1 5  ? 1.946   -8.577  3.789   1.00 16.80 ? 5   PHE A C   1 
ATOM   24  O O   . PHE A 1 5  ? 1.475   -7.657  4.448   1.00 22.32 ? 5   PHE A O   1 
ATOM   25  C CB  . PHE A 1 5  ? 0.656   -9.567  1.896   1.00 20.24 ? 5   PHE A CB  1 
ATOM   26  C CG  . PHE A 1 5  ? -0.503  -9.526  2.855   1.00 21.20 ? 5   PHE A CG  1 
ATOM   27  C CD1 . PHE A 1 5  ? -0.611  -10.470 3.872   1.00 20.75 ? 5   PHE A CD1 1 
ATOM   28  C CD2 . PHE A 1 5  ? -1.431  -8.485  2.802   1.00 14.67 ? 5   PHE A CD2 1 
ATOM   29  C CE1 . PHE A 1 5  ? -1.623  -10.382 4.829   1.00 31.68 ? 5   PHE A CE1 1 
ATOM   30  C CE2 . PHE A 1 5  ? -2.450  -8.386  3.757   1.00 22.29 ? 5   PHE A CE2 1 
ATOM   31  C CZ  . PHE A 1 5  ? -2.546  -9.336  4.773   1.00 23.33 ? 5   PHE A CZ  1 
ATOM   32  N N   . ASP A 1 6  ? 2.614   -9.589  4.341   1.00 19.48 ? 6   ASP A N   1 
ATOM   33  C CA  . ASP A 1 6  ? 2.817   -9.648  5.785   1.00 22.41 ? 6   ASP A CA  1 
ATOM   34  C C   . ASP A 1 6  ? 3.551   -8.411  6.279   1.00 19.47 ? 6   ASP A C   1 
ATOM   35  O O   . ASP A 1 6  ? 3.239   -7.872  7.341   1.00 17.60 ? 6   ASP A O   1 
ATOM   36  C CB  . ASP A 1 6  ? 3.617   -10.886 6.191   1.00 21.81 ? 6   ASP A CB  1 
ATOM   37  C CG  . ASP A 1 6  ? 2.774   -12.148 6.224   1.00 30.68 ? 6   ASP A CG  1 
ATOM   38  O OD1 . ASP A 1 6  ? 1.530   -12.038 6.280   1.00 27.23 ? 6   ASP A OD1 1 
ATOM   39  O OD2 . ASP A 1 6  ? 3.364   -13.249 6.211   1.00 28.08 ? 6   ASP A OD2 1 
ATOM   40  N N   . ARG A 1 7  ? 4.538   -7.977  5.503   1.00 19.61 ? 7   ARG A N   1 
ATOM   41  C CA  . ARG A 1 7  ? 5.313   -6.796  5.845   1.00 21.10 ? 7   ARG A CA  1 
ATOM   42  C C   . ARG A 1 7  ? 4.371   -5.595  5.853   1.00 15.76 ? 7   ARG A C   1 
ATOM   43  O O   . ARG A 1 7  ? 4.433   -4.754  6.751   1.00 21.71 ? 7   ARG A O   1 
ATOM   44  C CB  . ARG A 1 7  ? 6.433   -6.577  4.827   1.00 22.24 ? 7   ARG A CB  1 
ATOM   45  C CG  . ARG A 1 7  ? 7.824   -6.588  5.445   1.00 44.34 ? 7   ARG A CG  1 
ATOM   46  C CD  . ARG A 1 7  ? 8.582   -7.882  5.189   1.00 37.38 ? 7   ARG A CD  1 
ATOM   47  N NE  . ARG A 1 7  ? 9.249   -7.860  3.896   1.00 42.54 ? 7   ARG A NE  1 
ATOM   48  C CZ  . ARG A 1 7  ? 10.371  -8.518  3.605   1.00 46.85 ? 7   ARG A CZ  1 
ATOM   49  N NH1 . ARG A 1 7  ? 10.892  -8.427  2.387   1.00 35.24 ? 7   ARG A NH1 1 
ATOM   50  N NH2 . ARG A 1 7  ? 10.988  -9.253  4.519   1.00 30.03 ? 7   ARG A NH2 1 
ATOM   51  N N   . VAL A 1 8  ? 3.500   -5.522  4.852   1.00 15.70 ? 8   VAL A N   1 
ATOM   52  C CA  . VAL A 1 8  ? 2.550   -4.427  4.762   1.00 14.58 ? 8   VAL A CA  1 
ATOM   53  C C   . VAL A 1 8  ? 1.598   -4.454  5.959   1.00 22.16 ? 8   VAL A C   1 
ATOM   54  O O   . VAL A 1 8  ? 1.348   -3.418  6.577   1.00 21.86 ? 8   VAL A O   1 
ATOM   55  C CB  . VAL A 1 8  ? 1.728   -4.487  3.448   1.00 16.57 ? 8   VAL A CB  1 
ATOM   56  C CG1 . VAL A 1 8  ? 0.607   -3.456  3.488   1.00 17.44 ? 8   VAL A CG1 1 
ATOM   57  C CG2 . VAL A 1 8  ? 2.640   -4.211  2.247   1.00 21.02 ? 8   VAL A CG2 1 
ATOM   58  N N   . ALA A 1 9  ? 1.075   -5.630  6.294   1.00 17.68 ? 9   ALA A N   1 
ATOM   59  C CA  . ALA A 1 9  ? 0.153   -5.741  7.429   1.00 19.59 ? 9   ALA A CA  1 
ATOM   60  C C   . ALA A 1 9  ? 0.803   -5.243  8.718   1.00 16.62 ? 9   ALA A C   1 
ATOM   61  O O   . ALA A 1 9  ? 0.184   -4.511  9.493   1.00 22.96 ? 9   ALA A O   1 
ATOM   62  C CB  . ALA A 1 9  ? -0.302  -7.190  7.601   1.00 22.31 ? 9   ALA A CB  1 
ATOM   63  N N   . THR A 1 10 ? 2.054   -5.637  8.934   1.00 16.47 ? 10  THR A N   1 
ATOM   64  C CA  . THR A 1 10 ? 2.786   -5.233  10.127  1.00 24.34 ? 10  THR A CA  1 
ATOM   65  C C   . THR A 1 10 ? 2.926   -3.714  10.191  1.00 27.94 ? 10  THR A C   1 
ATOM   66  O O   . THR A 1 10 ? 2.700   -3.095  11.235  1.00 21.97 ? 10  THR A O   1 
ATOM   67  C CB  . THR A 1 10 ? 4.183   -5.859  10.151  1.00 25.96 ? 10  THR A CB  1 
ATOM   68  O OG1 . THR A 1 10 ? 4.062   -7.286  10.184  1.00 23.86 ? 10  THR A OG1 1 
ATOM   69  C CG2 . THR A 1 10 ? 4.956   -5.388  11.378  1.00 32.41 ? 10  THR A CG2 1 
ATOM   70  N N   . ILE A 1 11 ? 3.306   -3.124  9.065   1.00 22.03 ? 11  ILE A N   1 
ATOM   71  C CA  . ILE A 1 11 ? 3.471   -1.682  8.970   1.00 23.78 ? 11  ILE A CA  1 
ATOM   72  C C   . ILE A 1 11 ? 2.172   -0.983  9.317   1.00 20.71 ? 11  ILE A C   1 
ATOM   73  O O   . ILE A 1 11 ? 2.147   -0.077  10.144  1.00 23.02 ? 11  ILE A O   1 
ATOM   74  C CB  . ILE A 1 11 ? 3.895   -1.272  7.543   1.00 22.23 ? 11  ILE A CB  1 
ATOM   75  C CG1 . ILE A 1 11 ? 5.341   -1.696  7.314   1.00 15.62 ? 11  ILE A CG1 1 
ATOM   76  C CG2 . ILE A 1 11 ? 3.671   0.232   7.335   1.00 23.24 ? 11  ILE A CG2 1 
ATOM   77  C CD1 . ILE A 1 11 ? 5.813   -1.581  5.887   1.00 30.06 ? 11  ILE A CD1 1 
ATOM   78  N N   . ILE A 1 12 ? 1.089   -1.413  8.682   1.00 19.22 ? 12  ILE A N   1 
ATOM   79  C CA  . ILE A 1 12 ? -0.206  -0.806  8.940   1.00 23.15 ? 12  ILE A CA  1 
ATOM   80  C C   . ILE A 1 12 ? -0.594  -0.954  10.411  1.00 25.39 ? 12  ILE A C   1 
ATOM   81  O O   . ILE A 1 12 ? -0.963  0.027   11.062  1.00 23.65 ? 12  ILE A O   1 
ATOM   82  C CB  . ILE A 1 12 ? -1.292  -1.422  8.032   1.00 20.81 ? 12  ILE A CB  1 
ATOM   83  C CG1 . ILE A 1 12 ? -1.001  -1.038  6.568   1.00 18.56 ? 12  ILE A CG1 1 
ATOM   84  C CG2 . ILE A 1 12 ? -2.671  -0.947  8.459   1.00 16.93 ? 12  ILE A CG2 1 
ATOM   85  C CD1 . ILE A 1 12 ? -1.985  -1.593  5.558   1.00 18.97 ? 12  ILE A CD1 1 
ATOM   86  N N   . ALA A 1 13 ? -0.492  -2.172  10.935  1.00 21.39 ? 13  ALA A N   1 
ATOM   87  C CA  . ALA A 1 13 ? -0.837  -2.436  12.327  1.00 27.39 ? 13  ALA A CA  1 
ATOM   88  C C   . ALA A 1 13 ? -0.118  -1.512  13.305  1.00 33.48 ? 13  ALA A C   1 
ATOM   89  O O   . ALA A 1 13 ? -0.736  -0.959  14.212  1.00 34.19 ? 13  ALA A O   1 
ATOM   90  C CB  . ALA A 1 13 ? -0.525  -3.891  12.677  1.00 28.31 ? 13  ALA A CB  1 
ATOM   91  N N   . GLU A 1 14 ? 1.185   -1.336  13.113  1.00 30.49 ? 14  GLU A N   1 
ATOM   92  C CA  . GLU A 1 14 ? 1.966   -0.500  14.014  1.00 37.65 ? 14  GLU A CA  1 
ATOM   93  C C   . GLU A 1 14 ? 1.869   0.995   13.727  1.00 38.63 ? 14  GLU A C   1 
ATOM   94  O O   . GLU A 1 14 ? 2.056   1.810   14.627  1.00 37.35 ? 14  GLU A O   1 
ATOM   95  C CB  . GLU A 1 14 ? 3.430   -0.952  14.004  1.00 43.65 ? 14  GLU A CB  1 
ATOM   96  C CG  . GLU A 1 14 ? 4.134   -0.833  12.662  1.00 60.24 ? 14  GLU A CG  1 
ATOM   97  C CD  . GLU A 1 14 ? 4.712   0.550   12.422  1.00 70.37 ? 14  GLU A CD  1 
ATOM   98  O OE1 . GLU A 1 14 ? 5.229   0.794   11.308  1.00 71.51 ? 14  GLU A OE1 1 
ATOM   99  O OE2 . GLU A 1 14 ? 4.656   1.390   13.347  1.00 76.03 ? 14  GLU A OE2 1 
ATOM   100 N N   . THR A 1 15 ? 1.570   1.353   12.483  1.00 34.11 ? 15  THR A N   1 
ATOM   101 C CA  . THR A 1 15 ? 1.454   2.755   12.109  1.00 34.26 ? 15  THR A CA  1 
ATOM   102 C C   . THR A 1 15 ? 0.153   3.370   12.612  1.00 33.74 ? 15  THR A C   1 
ATOM   103 O O   . THR A 1 15 ? 0.133   4.518   13.055  1.00 37.69 ? 15  THR A O   1 
ATOM   104 C CB  . THR A 1 15 ? 1.526   2.932   10.574  1.00 31.12 ? 15  THR A CB  1 
ATOM   105 O OG1 . THR A 1 15 ? 2.830   2.560   10.109  1.00 25.59 ? 15  THR A OG1 1 
ATOM   106 C CG2 . THR A 1 15 ? 1.249   4.376   10.181  1.00 36.50 ? 15  THR A CG2 1 
ATOM   107 N N   . CYS A 1 16 ? -0.931  2.602   12.560  1.00 33.57 ? 16  CYS A N   1 
ATOM   108 C CA  . CYS A 1 16 ? -2.233  3.104   12.986  1.00 34.32 ? 16  CYS A CA  1 
ATOM   109 C C   . CYS A 1 16 ? -2.801  2.367   14.195  1.00 36.53 ? 16  CYS A C   1 
ATOM   110 O O   . CYS A 1 16 ? -3.995  2.467   14.480  1.00 31.51 ? 16  CYS A O   1 
ATOM   111 C CB  . CYS A 1 16 ? -3.217  3.007   11.821  1.00 35.21 ? 16  CYS A CB  1 
ATOM   112 S SG  . CYS A 1 16 ? -2.570  3.670   10.284  1.00 34.08 ? 16  CYS A SG  1 
ATOM   113 N N   . ASP A 1 17 ? -1.940  1.644   14.906  1.00 37.74 ? 17  ASP A N   1 
ATOM   114 C CA  . ASP A 1 17 ? -2.357  0.883   16.076  1.00 42.82 ? 17  ASP A CA  1 
ATOM   115 C C   . ASP A 1 17 ? -3.608  0.064   15.788  1.00 45.07 ? 17  ASP A C   1 
ATOM   116 O O   . ASP A 1 17 ? -4.612  0.159   16.496  1.00 46.30 ? 17  ASP A O   1 
ATOM   117 C CB  . ASP A 1 17 ? -2.603  1.815   17.269  1.00 54.11 ? 17  ASP A CB  1 
ATOM   118 C CG  . ASP A 1 17 ? -1.361  2.017   18.118  1.00 66.11 ? 17  ASP A CG  1 
ATOM   119 O OD1 . ASP A 1 17 ? -1.404  2.851   19.051  1.00 71.14 ? 17  ASP A OD1 1 
ATOM   120 O OD2 . ASP A 1 17 ? -0.342  1.335   17.858  1.00 73.29 ? 17  ASP A OD2 1 
ATOM   121 N N   . ILE A 1 18 ? -3.542  -0.733  14.729  1.00 40.40 ? 18  ILE A N   1 
ATOM   122 C CA  . ILE A 1 18 ? -4.657  -1.587  14.344  1.00 36.83 ? 18  ILE A CA  1 
ATOM   123 C C   . ILE A 1 18 ? -4.256  -3.029  14.636  1.00 34.86 ? 18  ILE A C   1 
ATOM   124 O O   . ILE A 1 18 ? -3.137  -3.446  14.323  1.00 30.90 ? 18  ILE A O   1 
ATOM   125 C CB  . ILE A 1 18 ? -4.984  -1.429  12.833  1.00 42.56 ? 18  ILE A CB  1 
ATOM   126 C CG1 . ILE A 1 18 ? -5.325  0.033   12.529  1.00 45.01 ? 18  ILE A CG1 1 
ATOM   127 C CG2 . ILE A 1 18 ? -6.148  -2.327  12.446  1.00 39.61 ? 18  ILE A CG2 1 
ATOM   128 C CD1 . ILE A 1 18 ? -5.587  0.317   11.060  1.00 39.81 ? 18  ILE A CD1 1 
ATOM   129 N N   . PRO A 1 19 ? -5.154  -3.807  15.263  1.00 38.66 ? 19  PRO A N   1 
ATOM   130 C CA  . PRO A 1 19 ? -4.849  -5.206  15.579  1.00 35.57 ? 19  PRO A CA  1 
ATOM   131 C C   . PRO A 1 19 ? -4.459  -5.976  14.318  1.00 29.18 ? 19  PRO A C   1 
ATOM   132 O O   . PRO A 1 19 ? -5.247  -6.087  13.383  1.00 33.07 ? 19  PRO A O   1 
ATOM   133 C CB  . PRO A 1 19 ? -6.154  -5.710  16.198  1.00 43.25 ? 19  PRO A CB  1 
ATOM   134 C CG  . PRO A 1 19 ? -7.198  -4.841  15.548  1.00 44.15 ? 19  PRO A CG  1 
ATOM   135 C CD  . PRO A 1 19 ? -6.549  -3.488  15.607  1.00 42.10 ? 19  PRO A CD  1 
ATOM   136 N N   . ARG A 1 20 ? -3.235  -6.492  14.306  1.00 30.40 ? 20  ARG A N   1 
ATOM   137 C CA  . ARG A 1 20 ? -2.711  -7.239  13.168  1.00 29.71 ? 20  ARG A CA  1 
ATOM   138 C C   . ARG A 1 20 ? -3.637  -8.361  12.705  1.00 37.90 ? 20  ARG A C   1 
ATOM   139 O O   . ARG A 1 20 ? -3.823  -8.564  11.502  1.00 32.72 ? 20  ARG A O   1 
ATOM   140 C CB  . ARG A 1 20 ? -1.337  -7.821  13.525  1.00 31.88 ? 20  ARG A CB  1 
ATOM   141 C CG  . ARG A 1 20 ? -0.771  -8.798  12.504  1.00 39.97 ? 20  ARG A CG  1 
ATOM   142 C CD  . ARG A 1 20 ? -0.319  -8.099  11.226  1.00 37.40 ? 20  ARG A CD  1 
ATOM   143 N NE  . ARG A 1 20 ? 0.128   -9.049  10.210  1.00 38.16 ? 20  ARG A NE  1 
ATOM   144 C CZ  . ARG A 1 20 ? -0.683  -9.810  9.479   1.00 30.61 ? 20  ARG A CZ  1 
ATOM   145 N NH1 . ARG A 1 20 ? -1.997  -9.739  9.643   1.00 38.39 ? 20  ARG A NH1 1 
ATOM   146 N NH2 . ARG A 1 20 ? -0.178  -10.640 8.575   1.00 42.83 ? 20  ARG A NH2 1 
ATOM   147 N N   . GLU A 1 21 ? -4.221  -9.081  13.662  1.00 36.05 ? 21  GLU A N   1 
ATOM   148 C CA  . GLU A 1 21 ? -5.110  -10.200 13.354  1.00 36.41 ? 21  GLU A CA  1 
ATOM   149 C C   . GLU A 1 21 ? -6.302  -9.819  12.493  1.00 31.87 ? 21  GLU A C   1 
ATOM   150 O O   . GLU A 1 21 ? -6.902  -10.678 11.851  1.00 38.14 ? 21  GLU A O   1 
ATOM   151 C CB  . GLU A 1 21 ? -5.623  -10.861 14.642  1.00 42.97 ? 21  GLU A CB  1 
ATOM   152 C CG  . GLU A 1 21 ? -6.587  -10.004 15.456  1.00 42.74 ? 21  GLU A CG  1 
ATOM   153 C CD  . GLU A 1 21 ? -5.888  -9.211  16.535  1.00 52.18 ? 21  GLU A CD  1 
ATOM   154 O OE1 . GLU A 1 21 ? -4.856  -8.576  16.231  1.00 44.56 ? 21  GLU A OE1 1 
ATOM   155 O OE2 . GLU A 1 21 ? -6.376  -9.220  17.692  1.00 58.56 ? 21  GLU A OE2 1 
ATOM   156 N N   . THR A 1 22 ? -6.652  -8.537  12.483  1.00 28.56 ? 22  THR A N   1 
ATOM   157 C CA  . THR A 1 22 ? -7.784  -8.073  11.692  1.00 28.81 ? 22  THR A CA  1 
ATOM   158 C C   . THR A 1 22 ? -7.397  -7.622  10.279  1.00 35.04 ? 22  THR A C   1 
ATOM   159 O O   . THR A 1 22 ? -8.254  -7.207  9.495   1.00 24.79 ? 22  THR A O   1 
ATOM   160 C CB  . THR A 1 22 ? -8.496  -6.892  12.375  1.00 38.29 ? 22  THR A CB  1 
ATOM   161 O OG1 . THR A 1 22 ? -7.627  -5.751  12.386  1.00 34.43 ? 22  THR A OG1 1 
ATOM   162 C CG2 . THR A 1 22 ? -8.876  -7.256  13.810  1.00 41.66 ? 22  THR A CG2 1 
ATOM   163 N N   . ILE A 1 23 ? -6.110  -7.694  9.953   1.00 32.23 ? 23  ILE A N   1 
ATOM   164 C CA  . ILE A 1 23 ? -5.660  -7.276  8.627   1.00 25.77 ? 23  ILE A CA  1 
ATOM   165 C C   . ILE A 1 23 ? -5.482  -8.475  7.697   1.00 21.85 ? 23  ILE A C   1 
ATOM   166 O O   . ILE A 1 23 ? -4.691  -9.366  7.972   1.00 27.98 ? 23  ILE A O   1 
ATOM   167 C CB  . ILE A 1 23 ? -4.333  -6.497  8.716   1.00 27.16 ? 23  ILE A CB  1 
ATOM   168 C CG1 . ILE A 1 23 ? -4.468  -5.358  9.737   1.00 23.41 ? 23  ILE A CG1 1 
ATOM   169 C CG2 . ILE A 1 23 ? -3.979  -5.920  7.348   1.00 25.22 ? 23  ILE A CG2 1 
ATOM   170 C CD1 . ILE A 1 23 ? -3.187  -4.563  9.956   1.00 23.91 ? 23  ILE A CD1 1 
ATOM   171 N N   . THR A 1 24 ? -6.218  -8.492  6.594   1.00 25.83 ? 24  THR A N   1 
ATOM   172 C CA  . THR A 1 24 ? -6.125  -9.599  5.650   1.00 26.65 ? 24  THR A CA  1 
ATOM   173 C C   . THR A 1 24 ? -5.740  -9.118  4.256   1.00 25.70 ? 24  THR A C   1 
ATOM   174 O O   . THR A 1 24 ? -5.749  -7.919  3.977   1.00 24.66 ? 24  THR A O   1 
ATOM   175 C CB  . THR A 1 24 ? -7.468  -10.336 5.514   1.00 22.13 ? 24  THR A CB  1 
ATOM   176 O OG1 . THR A 1 24 ? -8.396  -9.500  4.816   1.00 16.54 ? 24  THR A OG1 1 
ATOM   177 C CG2 . THR A 1 24 ? -8.032  -10.673 6.882   1.00 28.13 ? 24  THR A CG2 1 
ATOM   178 N N   . PRO A 1 25 ? -5.410  -10.059 3.358   1.00 24.20 ? 25  PRO A N   1 
ATOM   179 C CA  . PRO A 1 25 ? -5.033  -9.692  1.989   1.00 22.70 ? 25  PRO A CA  1 
ATOM   180 C C   . PRO A 1 25 ? -6.201  -9.008  1.277   1.00 21.33 ? 25  PRO A C   1 
ATOM   181 O O   . PRO A 1 25 ? -6.002  -8.251  0.324   1.00 22.30 ? 25  PRO A O   1 
ATOM   182 C CB  . PRO A 1 25 ? -4.681  -11.036 1.353   1.00 22.90 ? 25  PRO A CB  1 
ATOM   183 C CG  . PRO A 1 25 ? -4.210  -11.861 2.519   1.00 17.95 ? 25  PRO A CG  1 
ATOM   184 C CD  . PRO A 1 25 ? -5.209  -11.502 3.590   1.00 20.50 ? 25  PRO A CD  1 
ATOM   185 N N   . GLU A 1 26 ? -7.418  -9.275  1.750   1.00 15.12 ? 26  GLU A N   1 
ATOM   186 C CA  . GLU A 1 26 ? -8.619  -8.694  1.159   1.00 19.51 ? 26  GLU A CA  1 
ATOM   187 C C   . GLU A 1 26 ? -9.011  -7.351  1.778   1.00 21.56 ? 26  GLU A C   1 
ATOM   188 O O   . GLU A 1 26 ? -9.932  -6.685  1.299   1.00 25.18 ? 26  GLU A O   1 
ATOM   189 C CB  . GLU A 1 26 ? -9.799  -9.674  1.268   1.00 25.05 ? 26  GLU A CB  1 
ATOM   190 C CG  . GLU A 1 26 ? -9.587  -10.993 0.527   1.00 28.04 ? 26  GLU A CG  1 
ATOM   191 C CD  . GLU A 1 26 ? -8.698  -11.950 1.287   1.00 33.21 ? 26  GLU A CD  1 
ATOM   192 O OE1 . GLU A 1 26 ? -8.083  -12.835 0.651   1.00 38.11 ? 26  GLU A OE1 1 
ATOM   193 O OE2 . GLU A 1 26 ? -8.620  -11.829 2.530   1.00 37.57 ? 26  GLU A OE2 1 
ATOM   194 N N   . SER A 1 27 ? -8.325  -6.958  2.847   1.00 26.40 ? 27  SER A N   1 
ATOM   195 C CA  . SER A 1 27 ? -8.611  -5.675  3.500   1.00 28.81 ? 27  SER A CA  1 
ATOM   196 C C   . SER A 1 27 ? -8.225  -4.534  2.550   1.00 28.29 ? 27  SER A C   1 
ATOM   197 O O   . SER A 1 27 ? -7.550  -4.764  1.551   1.00 21.61 ? 27  SER A O   1 
ATOM   198 C CB  . SER A 1 27 ? -7.803  -5.534  4.796   1.00 27.04 ? 27  SER A CB  1 
ATOM   199 O OG  . SER A 1 27 ? -8.107  -6.567  5.722   1.00 29.46 ? 27  SER A OG  1 
ATOM   200 N N   . HIS A 1 28 ? -8.662  -3.315  2.863   1.00 28.01 ? 28  HIS A N   1 
ATOM   201 C CA  . HIS A 1 28 ? -8.338  -2.149  2.050   1.00 26.56 ? 28  HIS A CA  1 
ATOM   202 C C   . HIS A 1 28 ? -7.509  -1.141  2.851   1.00 28.23 ? 28  HIS A C   1 
ATOM   203 O O   . HIS A 1 28 ? -7.739  -0.940  4.049   1.00 19.70 ? 28  HIS A O   1 
ATOM   204 C CB  . HIS A 1 28 ? -9.607  -1.459  1.535   1.00 25.67 ? 28  HIS A CB  1 
ATOM   205 C CG  . HIS A 1 28 ? -10.403 -2.289  0.576   1.00 28.50 ? 28  HIS A CG  1 
ATOM   206 N ND1 . HIS A 1 28 ? -11.158 -1.736  -0.437  1.00 32.23 ? 28  HIS A ND1 1 
ATOM   207 C CD2 . HIS A 1 28 ? -10.574 -3.628  0.481   1.00 32.30 ? 28  HIS A CD2 1 
ATOM   208 C CE1 . HIS A 1 28 ? -11.755 -2.698  -1.115  1.00 30.08 ? 28  HIS A CE1 1 
ATOM   209 N NE2 . HIS A 1 28 ? -11.417 -3.857  -0.579  1.00 38.18 ? 28  HIS A NE2 1 
ATOM   210 N N   . ALA A 1 29 ? -6.543  -0.512  2.186   1.00 21.97 ? 29  ALA A N   1 
ATOM   211 C CA  . ALA A 1 29 ? -5.681  0.471   2.834   1.00 24.84 ? 29  ALA A CA  1 
ATOM   212 C C   . ALA A 1 29 ? -6.439  1.786   2.962   1.00 27.13 ? 29  ALA A C   1 
ATOM   213 O O   . ALA A 1 29 ? -5.947  2.752   3.553   1.00 22.69 ? 29  ALA A O   1 
ATOM   214 C CB  . ALA A 1 29 ? -4.417  0.673   2.010   1.00 21.21 ? 29  ALA A CB  1 
ATOM   215 N N   . ILE A 1 30 ? -7.648  1.787   2.405   1.00 28.45 ? 30  ILE A N   1 
ATOM   216 C CA  . ILE A 1 30 ? -8.526  2.944   2.401   1.00 28.00 ? 30  ILE A CA  1 
ATOM   217 C C   . ILE A 1 30 ? -9.967  2.522   2.708   1.00 35.10 ? 30  ILE A C   1 
ATOM   218 O O   . ILE A 1 30 ? -10.392 1.428   2.334   1.00 24.18 ? 30  ILE A O   1 
ATOM   219 C CB  . ILE A 1 30 ? -8.487  3.632   1.016   1.00 36.55 ? 30  ILE A CB  1 
ATOM   220 C CG1 . ILE A 1 30 ? -8.449  5.141   1.196   1.00 36.31 ? 30  ILE A CG1 1 
ATOM   221 C CG2 . ILE A 1 30 ? -9.678  3.218   0.163   1.00 37.38 ? 30  ILE A CG2 1 
ATOM   222 C CD1 . ILE A 1 30 ? -7.127  5.625   1.697   1.00 39.69 ? 30  ILE A CD1 1 
ATOM   223 N N   . ASP A 1 31 ? -10.710 3.397   3.384   1.00 37.62 ? 31  ASP A N   1 
ATOM   224 C CA  . ASP A 1 31 ? -12.106 3.136   3.735   1.00 34.25 ? 31  ASP A CA  1 
ATOM   225 C C   . ASP A 1 31 ? -12.309 1.761   4.338   1.00 39.88 ? 31  ASP A C   1 
ATOM   226 O O   . ASP A 1 31 ? -13.211 1.022   3.934   1.00 39.30 ? 31  ASP A O   1 
ATOM   227 C CB  . ASP A 1 31 ? -13.002 3.264   2.504   1.00 45.49 ? 31  ASP A CB  1 
ATOM   228 C CG  . ASP A 1 31 ? -12.976 4.650   1.910   1.00 53.74 ? 31  ASP A CG  1 
ATOM   229 O OD1 . ASP A 1 31 ? -11.987 4.991   1.230   1.00 60.12 ? 31  ASP A OD1 1 
ATOM   230 O OD2 . ASP A 1 31 ? -13.945 5.402   2.136   1.00 63.98 ? 31  ASP A OD2 1 
ATOM   231 N N   . ASP A 1 32 ? -11.479 1.424   5.314   1.00 31.53 ? 32  ASP A N   1 
ATOM   232 C CA  . ASP A 1 32 ? -11.565 0.127   5.958   1.00 35.56 ? 32  ASP A CA  1 
ATOM   233 C C   . ASP A 1 32 ? -10.619 0.105   7.148   1.00 36.39 ? 32  ASP A C   1 
ATOM   234 O O   . ASP A 1 32 ? -9.711  0.934   7.244   1.00 30.99 ? 32  ASP A O   1 
ATOM   235 C CB  . ASP A 1 32 ? -11.195 -0.968  4.946   1.00 35.77 ? 32  ASP A CB  1 
ATOM   236 C CG  . ASP A 1 32 ? -11.432 -2.371  5.475   1.00 42.49 ? 32  ASP A CG  1 
ATOM   237 O OD1 . ASP A 1 32 ? -12.417 -2.574  6.224   1.00 42.04 ? 32  ASP A OD1 1 
ATOM   238 O OD2 . ASP A 1 32 ? -10.642 -3.278  5.121   1.00 32.48 ? 32  ASP A OD2 1 
ATOM   239 N N   . LEU A 1 33 ? -10.841 -0.837  8.057   1.00 34.33 ? 33  LEU A N   1 
ATOM   240 C CA  . LEU A 1 33 ? -9.997  -0.966  9.236   1.00 34.14 ? 33  LEU A CA  1 
ATOM   241 C C   . LEU A 1 33 ? -9.980  0.323   10.060  1.00 34.18 ? 33  LEU A C   1 
ATOM   242 O O   . LEU A 1 33 ? -9.095  0.521   10.888  1.00 32.64 ? 33  LEU A O   1 
ATOM   243 C CB  . LEU A 1 33 ? -8.571  -1.319  8.811   1.00 35.75 ? 33  LEU A CB  1 
ATOM   244 C CG  . LEU A 1 33 ? -8.375  -2.619  8.027   1.00 41.02 ? 33  LEU A CG  1 
ATOM   245 C CD1 . LEU A 1 33 ? -6.989  -2.638  7.405   1.00 36.91 ? 33  LEU A CD1 1 
ATOM   246 C CD2 . LEU A 1 33 ? -8.569  -3.809  8.956   1.00 44.20 ? 33  LEU A CD2 1 
ATOM   247 N N   . GLY A 1 34 ? -10.960 1.194   9.828   1.00 28.73 ? 34  GLY A N   1 
ATOM   248 C CA  . GLY A 1 34 ? -11.021 2.446   10.558  1.00 32.55 ? 34  GLY A CA  1 
ATOM   249 C C   . GLY A 1 34 ? -9.972  3.434   10.080  1.00 39.32 ? 34  GLY A C   1 
ATOM   250 O O   . GLY A 1 34 ? -9.698  4.439   10.743  1.00 34.69 ? 34  GLY A O   1 
ATOM   251 N N   . ILE A 1 35 ? -9.388  3.148   8.921   1.00 29.84 ? 35  ILE A N   1 
ATOM   252 C CA  . ILE A 1 35 ? -8.358  4.003   8.343   1.00 26.35 ? 35  ILE A CA  1 
ATOM   253 C C   . ILE A 1 35 ? -8.943  5.238   7.679   1.00 29.84 ? 35  ILE A C   1 
ATOM   254 O O   . ILE A 1 35 ? -9.662  5.137   6.686   1.00 35.97 ? 35  ILE A O   1 
ATOM   255 C CB  . ILE A 1 35 ? -7.526  3.241   7.283   1.00 26.56 ? 35  ILE A CB  1 
ATOM   256 C CG1 . ILE A 1 35 ? -6.865  2.015   7.917   1.00 23.63 ? 35  ILE A CG1 1 
ATOM   257 C CG2 . ILE A 1 35 ? -6.468  4.161   6.691   1.00 21.88 ? 35  ILE A CG2 1 
ATOM   258 C CD1 . ILE A 1 35 ? -6.247  1.069   6.912   1.00 25.46 ? 35  ILE A CD1 1 
ATOM   259 N N   . ASP A 1 36 ? -8.636  6.407   8.233   1.00 32.54 ? 36  ASP A N   1 
ATOM   260 C CA  . ASP A 1 36 ? -9.119  7.653   7.660   1.00 32.09 ? 36  ASP A CA  1 
ATOM   261 C C   . ASP A 1 36 ? -8.048  8.204   6.731   1.00 30.18 ? 36  ASP A C   1 
ATOM   262 O O   . ASP A 1 36 ? -6.988  7.594   6.569   1.00 28.28 ? 36  ASP A O   1 
ATOM   263 C CB  . ASP A 1 36 ? -9.472  8.664   8.766   1.00 39.94 ? 36  ASP A CB  1 
ATOM   264 C CG  . ASP A 1 36 ? -8.289  9.025   9.649   1.00 37.58 ? 36  ASP A CG  1 
ATOM   265 O OD1 . ASP A 1 36 ? -8.532  9.486   10.785  1.00 46.79 ? 36  ASP A OD1 1 
ATOM   266 O OD2 . ASP A 1 36 ? -7.127  8.870   9.224   1.00 40.76 ? 36  ASP A OD2 1 
ATOM   267 N N   . SER A 1 37 ? -8.322  9.346   6.117   1.00 28.83 ? 37  SER A N   1 
ATOM   268 C CA  . SER A 1 37 ? -7.379  9.950   5.185   1.00 26.20 ? 37  SER A CA  1 
ATOM   269 C C   . SER A 1 37 ? -6.001  10.211  5.786   1.00 29.36 ? 37  SER A C   1 
ATOM   270 O O   . SER A 1 37 ? -4.985  9.896   5.168   1.00 28.74 ? 37  SER A O   1 
ATOM   271 C CB  . SER A 1 37 ? -7.961  11.247  4.627   1.00 28.20 ? 37  SER A CB  1 
ATOM   272 O OG  . SER A 1 37 ? -9.134  10.994  3.876   1.00 35.53 ? 37  SER A OG  1 
ATOM   273 N N   . LEU A 1 38 ? -5.957  10.788  6.984   1.00 27.89 ? 38  LEU A N   1 
ATOM   274 C CA  . LEU A 1 38 ? -4.668  11.061  7.622   1.00 31.42 ? 38  LEU A CA  1 
ATOM   275 C C   . LEU A 1 38 ? -3.923  9.749   7.874   1.00 25.14 ? 38  LEU A C   1 
ATOM   276 O O   . LEU A 1 38 ? -2.710  9.673   7.694   1.00 20.44 ? 38  LEU A O   1 
ATOM   277 C CB  . LEU A 1 38 ? -4.866  11.813  8.942   1.00 28.67 ? 38  LEU A CB  1 
ATOM   278 C CG  . LEU A 1 38 ? -5.352  13.262  8.846   1.00 39.76 ? 38  LEU A CG  1 
ATOM   279 C CD1 . LEU A 1 38 ? -5.725  13.774  10.232  1.00 33.88 ? 38  LEU A CD1 1 
ATOM   280 C CD2 . LEU A 1 38 ? -4.254  14.129  8.235   1.00 37.16 ? 38  LEU A CD2 1 
ATOM   281 N N   . ASP A 1 39 ? -4.658  8.718   8.283   1.00 25.89 ? 39  ASP A N   1 
ATOM   282 C CA  . ASP A 1 39 ? -4.060  7.413   8.551   1.00 26.04 ? 39  ASP A CA  1 
ATOM   283 C C   . ASP A 1 39 ? -3.414  6.865   7.286   1.00 21.67 ? 39  ASP A C   1 
ATOM   284 O O   . ASP A 1 39 ? -2.281  6.386   7.319   1.00 24.02 ? 39  ASP A O   1 
ATOM   285 C CB  . ASP A 1 39 ? -5.120  6.416   9.037   1.00 30.82 ? 39  ASP A CB  1 
ATOM   286 C CG  . ASP A 1 39 ? -5.659  6.746   10.416  1.00 38.23 ? 39  ASP A CG  1 
ATOM   287 O OD1 . ASP A 1 39 ? -6.872  6.527   10.638  1.00 32.74 ? 39  ASP A OD1 1 
ATOM   288 O OD2 . ASP A 1 39 ? -4.877  7.205   11.280  1.00 38.29 ? 39  ASP A OD2 1 
ATOM   289 N N   . PHE A 1 40 ? -4.139  6.931   6.169   1.00 22.39 ? 40  PHE A N   1 
ATOM   290 C CA  . PHE A 1 40 ? -3.611  6.420   4.907   1.00 23.74 ? 40  PHE A CA  1 
ATOM   291 C C   . PHE A 1 40 ? -2.318  7.089   4.490   1.00 28.96 ? 40  PHE A C   1 
ATOM   292 O O   . PHE A 1 40 ? -1.403  6.428   3.975   1.00 21.16 ? 40  PHE A O   1 
ATOM   293 C CB  . PHE A 1 40 ? -4.621  6.567   3.764   1.00 19.45 ? 40  PHE A CB  1 
ATOM   294 C CG  . PHE A 1 40 ? -4.020  6.327   2.400   1.00 22.32 ? 40  PHE A CG  1 
ATOM   295 C CD1 . PHE A 1 40 ? -3.594  7.391   1.611   1.00 23.01 ? 40  PHE A CD1 1 
ATOM   296 C CD2 . PHE A 1 40 ? -3.821  5.031   1.933   1.00 22.83 ? 40  PHE A CD2 1 
ATOM   297 C CE1 . PHE A 1 40 ? -2.975  7.166   0.379   1.00 27.10 ? 40  PHE A CE1 1 
ATOM   298 C CE2 . PHE A 1 40 ? -3.202  4.798   0.701   1.00 24.88 ? 40  PHE A CE2 1 
ATOM   299 C CZ  . PHE A 1 40 ? -2.780  5.868   -0.075  1.00 28.27 ? 40  PHE A CZ  1 
ATOM   300 N N   . LEU A 1 41 ? -2.238  8.402   4.685   1.00 18.69 ? 41  LEU A N   1 
ATOM   301 C CA  . LEU A 1 41 ? -1.018  9.116   4.312   1.00 24.80 ? 41  LEU A CA  1 
ATOM   302 C C   . LEU A 1 41 ? 0.137   8.621   5.186   1.00 16.17 ? 41  LEU A C   1 
ATOM   303 O O   . LEU A 1 41 ? 1.273   8.555   4.731   1.00 20.23 ? 41  LEU A O   1 
ATOM   304 C CB  . LEU A 1 41 ? -1.218  10.637  4.448   1.00 23.83 ? 41  LEU A CB  1 
ATOM   305 C CG  . LEU A 1 41 ? -2.228  11.229  3.449   1.00 23.31 ? 41  LEU A CG  1 
ATOM   306 C CD1 . LEU A 1 41 ? -2.373  12.722  3.669   1.00 24.82 ? 41  LEU A CD1 1 
ATOM   307 C CD2 . LEU A 1 41 ? -1.755  10.946  2.025   1.00 22.94 ? 41  LEU A CD2 1 
ATOM   308 N N   . ASP A 1 42 ? -0.161  8.252   6.430   1.00 23.37 ? 42  ASP A N   1 
ATOM   309 C CA  . ASP A 1 42 ? 0.876   7.741   7.321   1.00 20.60 ? 42  ASP A CA  1 
ATOM   310 C C   . ASP A 1 42 ? 1.319   6.368   6.824   1.00 29.02 ? 42  ASP A C   1 
ATOM   311 O O   . ASP A 1 42 ? 2.493   6.012   6.912   1.00 24.33 ? 42  ASP A O   1 
ATOM   312 C CB  . ASP A 1 42 ? 0.364   7.615   8.756   1.00 29.50 ? 42  ASP A CB  1 
ATOM   313 C CG  . ASP A 1 42 ? 0.210   8.964   9.444   1.00 35.37 ? 42  ASP A CG  1 
ATOM   314 O OD1 . ASP A 1 42 ? 1.091   9.829   9.251   1.00 32.52 ? 42  ASP A OD1 1 
ATOM   315 O OD2 . ASP A 1 42 ? -0.775  9.143   10.185  1.00 31.97 ? 42  ASP A OD2 1 
ATOM   316 N N   . ILE A 1 43 ? 0.371   5.594   6.305   1.00 23.98 ? 43  ILE A N   1 
ATOM   317 C CA  . ILE A 1 43 ? 0.686   4.266   5.790   1.00 17.41 ? 43  ILE A CA  1 
ATOM   318 C C   . ILE A 1 43 ? 1.561   4.371   4.542   1.00 15.95 ? 43  ILE A C   1 
ATOM   319 O O   . ILE A 1 43 ? 2.567   3.667   4.418   1.00 22.09 ? 43  ILE A O   1 
ATOM   320 C CB  . ILE A 1 43 ? -0.603  3.486   5.470   1.00 20.97 ? 43  ILE A CB  1 
ATOM   321 C CG1 . ILE A 1 43 ? -1.357  3.207   6.778   1.00 21.81 ? 43  ILE A CG1 1 
ATOM   322 C CG2 . ILE A 1 43 ? -0.264  2.174   4.748   1.00 19.87 ? 43  ILE A CG2 1 
ATOM   323 C CD1 . ILE A 1 43 ? -2.771  2.694   6.587   1.00 23.85 ? 43  ILE A CD1 1 
ATOM   324 N N   . ALA A 1 44 ? 1.189   5.254   3.621   1.00 17.23 ? 44  ALA A N   1 
ATOM   325 C CA  . ALA A 1 44 ? 1.959   5.440   2.396   1.00 15.26 ? 44  ALA A CA  1 
ATOM   326 C C   . ALA A 1 44 ? 3.377   5.883   2.759   1.00 16.17 ? 44  ALA A C   1 
ATOM   327 O O   . ALA A 1 44 ? 4.346   5.447   2.143   1.00 24.95 ? 44  ALA A O   1 
ATOM   328 C CB  . ALA A 1 44 ? 1.291   6.494   1.507   1.00 23.98 ? 44  ALA A CB  1 
ATOM   329 N N   . PHE A 1 45 ? 3.487   6.751   3.762   1.00 23.33 ? 45  PHE A N   1 
ATOM   330 C CA  . PHE A 1 45 ? 4.789   7.245   4.216   1.00 26.56 ? 45  PHE A CA  1 
ATOM   331 C C   . PHE A 1 45 ? 5.611   6.069   4.750   1.00 20.58 ? 45  PHE A C   1 
ATOM   332 O O   . PHE A 1 45 ? 6.741   5.845   4.322   1.00 22.57 ? 45  PHE A O   1 
ATOM   333 C CB  . PHE A 1 45 ? 4.606   8.302   5.317   1.00 20.31 ? 45  PHE A CB  1 
ATOM   334 C CG  . PHE A 1 45 ? 5.907   8.867   5.851   1.00 32.13 ? 45  PHE A CG  1 
ATOM   335 C CD1 . PHE A 1 45 ? 6.129   8.957   7.221   1.00 38.60 ? 45  PHE A CD1 1 
ATOM   336 C CD2 . PHE A 1 45 ? 6.906   9.309   4.985   1.00 35.93 ? 45  PHE A CD2 1 
ATOM   337 C CE1 . PHE A 1 45 ? 7.330   9.478   7.725   1.00 50.43 ? 45  PHE A CE1 1 
ATOM   338 C CE2 . PHE A 1 45 ? 8.110   9.832   5.476   1.00 37.30 ? 45  PHE A CE2 1 
ATOM   339 C CZ  . PHE A 1 45 ? 8.320   9.916   6.846   1.00 33.01 ? 45  PHE A CZ  1 
ATOM   340 N N   . ALA A 1 46 ? 5.031   5.316   5.677   1.00 19.31 ? 46  ALA A N   1 
ATOM   341 C CA  . ALA A 1 46 ? 5.722   4.172   6.265   1.00 18.57 ? 46  ALA A CA  1 
ATOM   342 C C   . ALA A 1 46 ? 6.159   3.145   5.215   1.00 21.38 ? 46  ALA A C   1 
ATOM   343 O O   . ALA A 1 46 ? 7.265   2.610   5.284   1.00 21.17 ? 46  ALA A O   1 
ATOM   344 C CB  . ALA A 1 46 ? 4.836   3.509   7.311   1.00 17.33 ? 46  ALA A CB  1 
ATOM   345 N N   . ILE A 1 47 ? 5.296   2.868   4.244   1.00 18.93 ? 47  ILE A N   1 
ATOM   346 C CA  . ILE A 1 47 ? 5.625   1.905   3.193   1.00 20.33 ? 47  ILE A CA  1 
ATOM   347 C C   . ILE A 1 47 ? 6.822   2.376   2.359   1.00 22.67 ? 47  ILE A C   1 
ATOM   348 O O   . ILE A 1 47 ? 7.733   1.598   2.061   1.00 18.19 ? 47  ILE A O   1 
ATOM   349 C CB  . ILE A 1 47 ? 4.405   1.659   2.276   1.00 17.68 ? 47  ILE A CB  1 
ATOM   350 C CG1 . ILE A 1 47 ? 3.354   0.844   3.044   1.00 15.37 ? 47  ILE A CG1 1 
ATOM   351 C CG2 . ILE A 1 47 ? 4.833   0.968   0.985   1.00 12.86 ? 47  ILE A CG2 1 
ATOM   352 C CD1 . ILE A 1 47 ? 2.053   0.628   2.289   1.00 24.62 ? 47  ILE A CD1 1 
ATOM   353 N N   . ASP A 1 48 ? 6.812   3.651   1.986   1.00 22.13 ? 48  ASP A N   1 
ATOM   354 C CA  . ASP A 1 48 ? 7.896   4.235   1.201   1.00 22.03 ? 48  ASP A CA  1 
ATOM   355 C C   . ASP A 1 48 ? 9.244   4.000   1.872   1.00 10.50 ? 48  ASP A C   1 
ATOM   356 O O   . ASP A 1 48 ? 10.157  3.485   1.250   1.00 18.88 ? 48  ASP A O   1 
ATOM   357 C CB  . ASP A 1 48 ? 7.693   5.744   1.042   1.00 24.35 ? 48  ASP A CB  1 
ATOM   358 C CG  . ASP A 1 48 ? 6.432   6.086   0.286   1.00 23.44 ? 48  ASP A CG  1 
ATOM   359 O OD1 . ASP A 1 48 ? 6.049   5.298   -0.612  1.00 21.91 ? 48  ASP A OD1 1 
ATOM   360 O OD2 . ASP A 1 48 ? 5.842   7.150   0.575   1.00 27.58 ? 48  ASP A OD2 1 
ATOM   361 N N   . LYS A 1 49 ? 9.357   4.396   3.136   1.00 18.75 ? 49  LYS A N   1 
ATOM   362 C CA  . LYS A 1 49 ? 10.603  4.222   3.867   1.00 24.57 ? 49  LYS A CA  1 
ATOM   363 C C   . LYS A 1 49 ? 10.907  2.741   4.104   1.00 28.47 ? 49  LYS A C   1 
ATOM   364 O O   . LYS A 1 49 ? 12.056  2.314   3.982   1.00 24.16 ? 49  LYS A O   1 
ATOM   365 C CB  . LYS A 1 49 ? 10.553  4.955   5.212   1.00 27.40 ? 49  LYS A CB  1 
ATOM   366 C CG  . LYS A 1 49 ? 10.312  6.470   5.111   1.00 28.87 ? 49  LYS A CG  1 
ATOM   367 C CD  . LYS A 1 49 ? 11.347  7.157   4.224   1.00 33.39 ? 49  LYS A CD  1 
ATOM   368 C CE  . LYS A 1 49 ? 11.064  8.654   4.092   1.00 43.68 ? 49  LYS A CE  1 
ATOM   369 N NZ  . LYS A 1 49 ? 12.124  9.370   3.316   1.00 46.68 ? 49  LYS A NZ  1 
ATOM   370 N N   . ALA A 1 50 ? 9.884   1.959   4.439   1.00 14.85 ? 50  ALA A N   1 
ATOM   371 C CA  . ALA A 1 50 ? 10.084  0.539   4.704   1.00 23.58 ? 50  ALA A CA  1 
ATOM   372 C C   . ALA A 1 50 ? 10.656  -0.223  3.512   1.00 24.60 ? 50  ALA A C   1 
ATOM   373 O O   . ALA A 1 50 ? 11.537  -1.066  3.681   1.00 16.75 ? 50  ALA A O   1 
ATOM   374 C CB  . ALA A 1 50 ? 8.773   -0.107  5.158   1.00 20.04 ? 50  ALA A CB  1 
ATOM   375 N N   . PHE A 1 51 ? 10.169  0.073   2.307   1.00 18.14 ? 51  PHE A N   1 
ATOM   376 C CA  . PHE A 1 51 ? 10.647  -0.627  1.117   1.00 19.93 ? 51  PHE A CA  1 
ATOM   377 C C   . PHE A 1 51 ? 11.635  0.162   0.262   1.00 19.97 ? 51  PHE A C   1 
ATOM   378 O O   . PHE A 1 51 ? 12.120  -0.345  -0.746  1.00 21.73 ? 51  PHE A O   1 
ATOM   379 C CB  . PHE A 1 51 ? 9.465   -1.074  0.237   1.00 20.43 ? 51  PHE A CB  1 
ATOM   380 C CG  . PHE A 1 51 ? 8.576   -2.100  0.882   1.00 24.07 ? 51  PHE A CG  1 
ATOM   381 C CD1 . PHE A 1 51 ? 7.519   -1.711  1.701   1.00 14.80 ? 51  PHE A CD1 1 
ATOM   382 C CD2 . PHE A 1 51 ? 8.803   -3.462  0.676   1.00 22.17 ? 51  PHE A CD2 1 
ATOM   383 C CE1 . PHE A 1 51 ? 6.697   -2.661  2.308   1.00 18.99 ? 51  PHE A CE1 1 
ATOM   384 C CE2 . PHE A 1 51 ? 7.987   -4.423  1.276   1.00 22.64 ? 51  PHE A CE2 1 
ATOM   385 C CZ  . PHE A 1 51 ? 6.929   -4.024  2.096   1.00 20.36 ? 51  PHE A CZ  1 
ATOM   386 N N   . GLY A 1 52 ? 11.946  1.387   0.671   1.00 23.48 ? 52  GLY A N   1 
ATOM   387 C CA  . GLY A 1 52 ? 12.869  2.194   -0.104  1.00 27.74 ? 52  GLY A CA  1 
ATOM   388 C C   . GLY A 1 52 ? 12.293  2.543   -1.467  1.00 33.75 ? 52  GLY A C   1 
ATOM   389 O O   . GLY A 1 52 ? 12.996  2.523   -2.477  1.00 27.97 ? 52  GLY A O   1 
ATOM   390 N N   . ILE A 1 53 ? 10.997  2.839   -1.498  1.00 30.80 ? 53  ILE A N   1 
ATOM   391 C CA  . ILE A 1 53 ? 10.328  3.205   -2.741  1.00 21.37 ? 53  ILE A CA  1 
ATOM   392 C C   . ILE A 1 53 ? 9.440   4.406   -2.492  1.00 17.67 ? 53  ILE A C   1 
ATOM   393 O O   . ILE A 1 53 ? 9.428   4.974   -1.403  1.00 22.80 ? 53  ILE A O   1 
ATOM   394 C CB  . ILE A 1 53 ? 9.437   2.060   -3.289  1.00 29.34 ? 53  ILE A CB  1 
ATOM   395 C CG1 . ILE A 1 53 ? 8.322   1.740   -2.275  1.00 26.61 ? 53  ILE A CG1 1 
ATOM   396 C CG2 . ILE A 1 53 ? 10.283  0.832   -3.595  1.00 20.84 ? 53  ILE A CG2 1 
ATOM   397 C CD1 . ILE A 1 53 ? 7.377   0.653   -2.734  1.00 26.38 ? 53  ILE A CD1 1 
ATOM   398 N N   . LYS A 1 54 ? 8.678   4.780   -3.509  1.00 25.47 ? 54  LYS A N   1 
ATOM   399 C CA  . LYS A 1 54 ? 7.769   5.909   -3.387  1.00 28.21 ? 54  LYS A CA  1 
ATOM   400 C C   . LYS A 1 54 ? 6.459   5.526   -4.074  1.00 23.63 ? 54  LYS A C   1 
ATOM   401 O O   . LYS A 1 54 ? 6.444   5.260   -5.272  1.00 24.16 ? 54  LYS A O   1 
ATOM   402 C CB  . LYS A 1 54 ? 8.390   7.139   -4.059  1.00 37.99 ? 54  LYS A CB  1 
ATOM   403 C CG  . LYS A 1 54 ? 7.501   8.371   -4.088  1.00 46.79 ? 54  LYS A CG  1 
ATOM   404 C CD  . LYS A 1 54 ? 7.371   9.028   -2.724  1.00 55.83 ? 54  LYS A CD  1 
ATOM   405 C CE  . LYS A 1 54 ? 6.339   10.155  -2.757  1.00 49.33 ? 54  LYS A CE  1 
ATOM   406 N NZ  . LYS A 1 54 ? 6.635   11.174  -3.805  1.00 59.21 ? 54  LYS A NZ  1 
ATOM   407 N N   . LEU A 1 55 ? 5.367   5.463   -3.317  1.00 24.14 ? 55  LEU A N   1 
ATOM   408 C CA  . LEU A 1 55 ? 4.083   5.126   -3.921  1.00 20.78 ? 55  LEU A CA  1 
ATOM   409 C C   . LEU A 1 55 ? 3.683   6.361   -4.715  1.00 21.52 ? 55  LEU A C   1 
ATOM   410 O O   . LEU A 1 55 ? 3.371   7.403   -4.146  1.00 22.81 ? 55  LEU A O   1 
ATOM   411 C CB  . LEU A 1 55 ? 3.034   4.824   -2.854  1.00 30.53 ? 55  LEU A CB  1 
ATOM   412 C CG  . LEU A 1 55 ? 3.340   3.655   -1.917  1.00 25.96 ? 55  LEU A CG  1 
ATOM   413 C CD1 . LEU A 1 55 ? 2.219   3.534   -0.901  1.00 24.07 ? 55  LEU A CD1 1 
ATOM   414 C CD2 . LEU A 1 55 ? 3.500   2.369   -2.715  1.00 20.56 ? 55  LEU A CD2 1 
ATOM   415 N N   . PRO A 1 56 ? 3.695   6.253   -6.044  1.00 18.23 ? 56  PRO A N   1 
ATOM   416 C CA  . PRO A 1 56 ? 3.342   7.374   -6.918  1.00 24.00 ? 56  PRO A CA  1 
ATOM   417 C C   . PRO A 1 56 ? 1.835   7.630   -6.939  1.00 18.90 ? 56  PRO A C   1 
ATOM   418 O O   . PRO A 1 56 ? 1.168   7.294   -7.906  1.00 20.21 ? 56  PRO A O   1 
ATOM   419 C CB  . PRO A 1 56 ? 3.884   6.914   -8.264  1.00 20.02 ? 56  PRO A CB  1 
ATOM   420 C CG  . PRO A 1 56 ? 3.532   5.454   -8.251  1.00 26.42 ? 56  PRO A CG  1 
ATOM   421 C CD  . PRO A 1 56 ? 3.895   5.017   -6.829  1.00 20.46 ? 56  PRO A CD  1 
ATOM   422 N N   . LEU A 1 57 ? 1.326   8.232   -5.868  1.00 23.21 ? 57  LEU A N   1 
ATOM   423 C CA  . LEU A 1 57 ? -0.093  8.522   -5.722  1.00 25.56 ? 57  LEU A CA  1 
ATOM   424 C C   . LEU A 1 57 ? -0.689  9.347   -6.859  1.00 26.73 ? 57  LEU A C   1 
ATOM   425 O O   . LEU A 1 57 ? -1.788  9.057   -7.327  1.00 22.94 ? 57  LEU A O   1 
ATOM   426 C CB  . LEU A 1 57 ? -0.346  9.235   -4.390  1.00 26.89 ? 57  LEU A CB  1 
ATOM   427 C CG  . LEU A 1 57 ? 0.089   8.486   -3.118  1.00 29.97 ? 57  LEU A CG  1 
ATOM   428 C CD1 . LEU A 1 57 ? -0.348  9.277   -1.882  1.00 28.63 ? 57  LEU A CD1 1 
ATOM   429 C CD2 . LEU A 1 57 ? -0.536  7.092   -3.097  1.00 23.31 ? 57  LEU A CD2 1 
ATOM   430 N N   . GLU A 1 58 ? 0.026   10.379  -7.295  1.00 20.42 ? 58  GLU A N   1 
ATOM   431 C CA  . GLU A 1 58 ? -0.463  11.214  -8.385  1.00 25.06 ? 58  GLU A CA  1 
ATOM   432 C C   . GLU A 1 58 ? -0.635  10.394  -9.661  1.00 25.17 ? 58  GLU A C   1 
ATOM   433 O O   . GLU A 1 58 ? -1.657  10.492  -10.345 1.00 20.98 ? 58  GLU A O   1 
ATOM   434 C CB  . GLU A 1 58 ? 0.499   12.374  -8.647  1.00 19.14 ? 58  GLU A CB  1 
ATOM   435 C CG  . GLU A 1 58 ? 0.160   13.150  -9.905  1.00 36.13 ? 58  GLU A CG  1 
ATOM   436 C CD  . GLU A 1 58 ? 0.926   14.449  -10.016 1.00 33.97 ? 58  GLU A CD  1 
ATOM   437 O OE1 . GLU A 1 58 ? 2.138   14.449  -9.724  1.00 34.21 ? 58  GLU A OE1 1 
ATOM   438 O OE2 . GLU A 1 58 ? 0.314   15.463  -10.403 1.00 34.70 ? 58  GLU A OE2 1 
ATOM   439 N N   . LYS A 1 59 ? 0.367   9.578   -9.970  1.00 24.49 ? 59  LYS A N   1 
ATOM   440 C CA  . LYS A 1 59 ? 0.332   8.743   -11.162 1.00 18.88 ? 59  LYS A CA  1 
ATOM   441 C C   . LYS A 1 59 ? -0.820  7.741   -11.127 1.00 21.18 ? 59  LYS A C   1 
ATOM   442 O O   . LYS A 1 59 ? -1.479  7.507   -12.142 1.00 21.54 ? 59  LYS A O   1 
ATOM   443 C CB  . LYS A 1 59 ? 1.654   7.983   -11.327 1.00 22.76 ? 59  LYS A CB  1 
ATOM   444 C CG  . LYS A 1 59 ? 1.649   6.992   -12.488 1.00 28.89 ? 59  LYS A CG  1 
ATOM   445 C CD  . LYS A 1 59 ? 2.885   6.099   -12.492 1.00 45.02 ? 59  LYS A CD  1 
ATOM   446 C CE  . LYS A 1 59 ? 2.894   5.177   -13.716 1.00 40.60 ? 59  LYS A CE  1 
ATOM   447 N NZ  . LYS A 1 59 ? 4.038   4.222   -13.702 1.00 36.53 ? 59  LYS A NZ  1 
ATOM   448 N N   . TRP A 1 60 ? -1.049  7.143   -9.962  1.00 21.07 ? 60  TRP A N   1 
ATOM   449 C CA  . TRP A 1 60 ? -2.125  6.169   -9.799  1.00 22.58 ? 60  TRP A CA  1 
ATOM   450 C C   . TRP A 1 60 ? -3.479  6.839   -10.023 1.00 17.80 ? 60  TRP A C   1 
ATOM   451 O O   . TRP A 1 60 ? -4.334  6.314   -10.734 1.00 19.38 ? 60  TRP A O   1 
ATOM   452 C CB  . TRP A 1 60 ? -2.069  5.549   -8.392  1.00 23.50 ? 60  TRP A CB  1 
ATOM   453 C CG  . TRP A 1 60 ? -0.916  4.585   -8.173  1.00 31.60 ? 60  TRP A CG  1 
ATOM   454 C CD1 . TRP A 1 60 ? -0.010  4.162   -9.103  1.00 32.97 ? 60  TRP A CD1 1 
ATOM   455 C CD2 . TRP A 1 60 ? -0.595  3.888   -6.958  1.00 29.40 ? 60  TRP A CD2 1 
ATOM   456 N NE1 . TRP A 1 60 ? 0.850   3.242   -8.547  1.00 31.16 ? 60  TRP A NE1 1 
ATOM   457 C CE2 . TRP A 1 60 ? 0.512   3.055   -7.233  1.00 35.74 ? 60  TRP A CE2 1 
ATOM   458 C CE3 . TRP A 1 60 ? -1.142  3.882   -5.669  1.00 27.36 ? 60  TRP A CE3 1 
ATOM   459 C CZ2 . TRP A 1 60 ? 1.089   2.227   -6.259  1.00 27.81 ? 60  TRP A CZ2 1 
ATOM   460 C CZ3 . TRP A 1 60 ? -0.569  3.060   -4.702  1.00 34.75 ? 60  TRP A CZ3 1 
ATOM   461 C CH2 . TRP A 1 60 ? 0.534   2.242   -5.007  1.00 32.38 ? 60  TRP A CH2 1 
ATOM   462 N N   . THR A 1 61 ? -3.668  8.004   -9.408  1.00 19.15 ? 61  THR A N   1 
ATOM   463 C CA  . THR A 1 61 ? -4.919  8.751   -9.551  1.00 15.13 ? 61  THR A CA  1 
ATOM   464 C C   . THR A 1 61 ? -5.183  9.014   -11.036 1.00 23.96 ? 61  THR A C   1 
ATOM   465 O O   . THR A 1 61 ? -6.319  8.942   -11.499 1.00 22.79 ? 61  THR A O   1 
ATOM   466 C CB  . THR A 1 61 ? -4.842  10.108  -8.793  1.00 22.24 ? 61  THR A CB  1 
ATOM   467 O OG1 . THR A 1 61 ? -4.626  9.863   -7.395  1.00 23.82 ? 61  THR A OG1 1 
ATOM   468 C CG2 . THR A 1 61 ? -6.146  10.906  -8.965  1.00 26.15 ? 61  THR A CG2 1 
ATOM   469 N N   . GLN A 1 62 ? -4.124  9.309   -11.784 1.00 26.46 ? 62  GLN A N   1 
ATOM   470 C CA  . GLN A 1 62 ? -4.267  9.584   -13.209 1.00 31.56 ? 62  GLN A CA  1 
ATOM   471 C C   . GLN A 1 62 ? -4.761  8.355   -13.982 1.00 34.33 ? 62  GLN A C   1 
ATOM   472 O O   . GLN A 1 62 ? -5.588  8.474   -14.890 1.00 23.63 ? 62  GLN A O   1 
ATOM   473 C CB  . GLN A 1 62 ? -2.937  10.067  -13.780 1.00 24.68 ? 62  GLN A CB  1 
ATOM   474 C CG  . GLN A 1 62 ? -2.990  10.473  -15.238 1.00 45.16 ? 62  GLN A CG  1 
ATOM   475 C CD  . GLN A 1 62 ? -1.742  11.221  -15.665 1.00 52.08 ? 62  GLN A CD  1 
ATOM   476 O OE1 . GLN A 1 62 ? -0.629  10.696  -15.578 1.00 54.75 ? 62  GLN A OE1 1 
ATOM   477 N NE2 . GLN A 1 62 ? -1.919  12.455  -16.121 1.00 51.23 ? 62  GLN A NE2 1 
ATOM   478 N N   . GLU A 1 63 ? -4.257  7.179   -13.616 1.00 29.05 ? 63  GLU A N   1 
ATOM   479 C CA  . GLU A 1 63 ? -4.654  5.939   -14.276 1.00 28.71 ? 63  GLU A CA  1 
ATOM   480 C C   . GLU A 1 63 ? -6.100  5.575   -13.968 1.00 27.03 ? 63  GLU A C   1 
ATOM   481 O O   . GLU A 1 63 ? -6.844  5.146   -14.852 1.00 31.49 ? 63  GLU A O   1 
ATOM   482 C CB  . GLU A 1 63 ? -3.728  4.793   -13.857 1.00 34.27 ? 63  GLU A CB  1 
ATOM   483 C CG  . GLU A 1 63 ? -2.286  4.970   -14.317 1.00 39.40 ? 63  GLU A CG  1 
ATOM   484 C CD  . GLU A 1 63 ? -1.486  3.684   -14.218 1.00 47.65 ? 63  GLU A CD  1 
ATOM   485 O OE1 . GLU A 1 63 ? -1.868  2.697   -14.884 1.00 45.85 ? 63  GLU A OE1 1 
ATOM   486 O OE2 . GLU A 1 63 ? -0.481  3.662   -13.477 1.00 51.84 ? 63  GLU A OE2 1 
ATOM   487 N N   . VAL A 1 64 ? -6.503  5.744   -12.716 1.00 22.34 ? 64  VAL A N   1 
ATOM   488 C CA  . VAL A 1 64 ? -7.872  5.440   -12.329 1.00 32.24 ? 64  VAL A CA  1 
ATOM   489 C C   . VAL A 1 64 ? -8.843  6.377   -13.047 1.00 38.87 ? 64  VAL A C   1 
ATOM   490 O O   . VAL A 1 64 ? -9.995  6.013   -13.286 1.00 42.55 ? 64  VAL A O   1 
ATOM   491 C CB  . VAL A 1 64 ? -8.076  5.578   -10.808 1.00 36.04 ? 64  VAL A CB  1 
ATOM   492 C CG1 . VAL A 1 64 ? -9.552  5.392   -10.465 1.00 35.22 ? 64  VAL A CG1 1 
ATOM   493 C CG2 . VAL A 1 64 ? -7.241  4.532   -10.077 1.00 34.50 ? 64  VAL A CG2 1 
ATOM   494 N N   . ASN A 1 65 ? -8.379  7.578   -13.384 1.00 34.89 ? 65  ASN A N   1 
ATOM   495 C CA  . ASN A 1 65 ? -9.215  8.544   -14.087 1.00 39.84 ? 65  ASN A CA  1 
ATOM   496 C C   . ASN A 1 65 ? -9.213  8.303   -15.590 1.00 40.31 ? 65  ASN A C   1 
ATOM   497 O O   . ASN A 1 65 ? -10.225 8.510   -16.256 1.00 45.41 ? 65  ASN A O   1 
ATOM   498 C CB  . ASN A 1 65 ? -8.754  9.979   -13.803 1.00 41.12 ? 65  ASN A CB  1 
ATOM   499 C CG  . ASN A 1 65 ? -9.298  10.520  -12.494 1.00 46.18 ? 65  ASN A CG  1 
ATOM   500 O OD1 . ASN A 1 65 ? -8.740  10.284  -11.422 1.00 46.67 ? 65  ASN A OD1 1 
ATOM   501 N ND2 . ASN A 1 65 ? -10.412 11.243  -12.578 1.00 58.91 ? 65  ASN A ND2 1 
ATOM   502 N N   . ASP A 1 66 ? -8.071  7.870   -16.116 1.00 42.39 ? 66  ASP A N   1 
ATOM   503 C CA  . ASP A 1 66 ? -7.928  7.592   -17.543 1.00 41.24 ? 66  ASP A CA  1 
ATOM   504 C C   . ASP A 1 66 ? -8.457  6.200   -17.882 1.00 41.11 ? 66  ASP A C   1 
ATOM   505 O O   . ASP A 1 66 ? -8.283  5.722   -19.003 1.00 40.73 ? 66  ASP A O   1 
ATOM   506 C CB  . ASP A 1 66 ? -6.456  7.658   -17.961 1.00 42.90 ? 66  ASP A CB  1 
ATOM   507 C CG  . ASP A 1 66 ? -5.914  9.067   -17.998 1.00 53.72 ? 66  ASP A CG  1 
ATOM   508 O OD1 . ASP A 1 66 ? -4.709  9.217   -18.292 1.00 56.39 ? 66  ASP A OD1 1 
ATOM   509 O OD2 . ASP A 1 66 ? -6.682  10.020  -17.742 1.00 59.90 ? 66  ASP A OD2 1 
ATOM   510 N N   . GLY A 1 67 ? -9.083  5.546   -16.910 1.00 40.24 ? 67  GLY A N   1 
ATOM   511 C CA  . GLY A 1 67 ? -9.613  4.216   -17.143 1.00 36.69 ? 67  GLY A CA  1 
ATOM   512 C C   . GLY A 1 67 ? -8.543  3.159   -17.371 1.00 35.13 ? 67  GLY A C   1 
ATOM   513 O O   . GLY A 1 67 ? -8.832  2.091   -17.909 1.00 37.72 ? 67  GLY A O   1 
ATOM   514 N N   . LYS A 1 68 ? -7.309  3.448   -16.967 1.00 26.52 ? 68  LYS A N   1 
ATOM   515 C CA  . LYS A 1 68 ? -6.207  2.500   -17.129 1.00 28.67 ? 68  LYS A CA  1 
ATOM   516 C C   . LYS A 1 68 ? -6.025  1.605   -15.901 1.00 25.93 ? 68  LYS A C   1 
ATOM   517 O O   . LYS A 1 68 ? -5.187  0.698   -15.899 1.00 24.02 ? 68  LYS A O   1 
ATOM   518 C CB  . LYS A 1 68 ? -4.894  3.238   -17.410 1.00 26.53 ? 68  LYS A CB  1 
ATOM   519 C CG  . LYS A 1 68 ? -4.771  3.822   -18.814 1.00 44.49 ? 68  LYS A CG  1 
ATOM   520 C CD  . LYS A 1 68 ? -3.375  4.382   -19.047 1.00 48.86 ? 68  LYS A CD  1 
ATOM   521 C CE  . LYS A 1 68 ? -3.173  4.822   -20.490 1.00 62.63 ? 68  LYS A CE  1 
ATOM   522 N NZ  . LYS A 1 68 ? -1.800  5.370   -20.712 1.00 54.57 ? 68  LYS A NZ  1 
ATOM   523 N N   . ALA A 1 69 ? -6.807  1.866   -14.858 1.00 22.98 ? 69  ALA A N   1 
ATOM   524 C CA  . ALA A 1 69 ? -6.729  1.079   -13.633 1.00 21.74 ? 69  ALA A CA  1 
ATOM   525 C C   . ALA A 1 69 ? -7.970  1.242   -12.760 1.00 26.10 ? 69  ALA A C   1 
ATOM   526 O O   . ALA A 1 69 ? -8.765  2.165   -12.954 1.00 21.02 ? 69  ALA A O   1 
ATOM   527 C CB  . ALA A 1 69 ? -5.497  1.484   -12.846 1.00 22.39 ? 69  ALA A CB  1 
ATOM   528 N N   . THR A 1 70 ? -8.139  0.323   -11.813 1.00 22.50 ? 70  THR A N   1 
ATOM   529 C CA  . THR A 1 70 ? -9.253  0.391   -10.871 1.00 26.95 ? 70  THR A CA  1 
ATOM   530 C C   . THR A 1 70 ? -8.644  0.688   -9.508  1.00 27.50 ? 70  THR A C   1 
ATOM   531 O O   . THR A 1 70 ? -7.443  0.504   -9.305  1.00 21.12 ? 70  THR A O   1 
ATOM   532 C CB  . THR A 1 70 ? -10.046 -0.941  -10.768 1.00 20.20 ? 70  THR A CB  1 
ATOM   533 O OG1 . THR A 1 70 ? -9.204  -1.979  -10.246 1.00 18.27 ? 70  THR A OG1 1 
ATOM   534 C CG2 . THR A 1 70 ? -10.574 -1.361  -12.140 1.00 34.36 ? 70  THR A CG2 1 
ATOM   535 N N   . THR A 1 71 ? -9.469  1.144   -8.575  1.00 21.84 ? 71  THR A N   1 
ATOM   536 C CA  . THR A 1 71 ? -8.976  1.455   -7.243  1.00 19.50 ? 71  THR A CA  1 
ATOM   537 C C   . THR A 1 71 ? -8.509  0.189   -6.547  1.00 21.11 ? 71  THR A C   1 
ATOM   538 O O   . THR A 1 71 ? -7.542  0.210   -5.780  1.00 22.69 ? 71  THR A O   1 
ATOM   539 C CB  . THR A 1 71 ? -10.071 2.116   -6.371  1.00 24.46 ? 71  THR A CB  1 
ATOM   540 O OG1 . THR A 1 71 ? -11.169 1.208   -6.215  1.00 26.27 ? 71  THR A OG1 1 
ATOM   541 C CG2 . THR A 1 71 ? -10.558 3.403   -7.015  1.00 20.42 ? 71  THR A CG2 1 
ATOM   542 N N   . GLU A 1 72 ? -9.195  -0.917  -6.828  1.00 14.90 ? 72  GLU A N   1 
ATOM   543 C CA  . GLU A 1 72 ? -8.858  -2.198  -6.226  1.00 17.11 ? 72  GLU A CA  1 
ATOM   544 C C   . GLU A 1 72 ? -7.404  -2.605  -6.442  1.00 14.45 ? 72  GLU A C   1 
ATOM   545 O O   . GLU A 1 72 ? -6.800  -3.223  -5.568  1.00 17.55 ? 72  GLU A O   1 
ATOM   546 C CB  . GLU A 1 72 ? -9.760  -3.322  -6.774  1.00 18.97 ? 72  GLU A CB  1 
ATOM   547 C CG  . GLU A 1 72 ? -11.175 -3.374  -6.205  1.00 28.44 ? 72  GLU A CG  1 
ATOM   548 C CD  . GLU A 1 72 ? -12.122 -2.382  -6.854  1.00 26.20 ? 72  GLU A CD  1 
ATOM   549 O OE1 . GLU A 1 72 ? -13.326 -2.420  -6.519  1.00 37.81 ? 72  GLU A OE1 1 
ATOM   550 O OE2 . GLU A 1 72 ? -11.680 -1.569  -7.694  1.00 23.98 ? 72  GLU A OE2 1 
ATOM   551 N N   . GLN A 1 73 ? -6.832  -2.271  -7.595  1.00 15.89 ? 73  GLN A N   1 
ATOM   552 C CA  . GLN A 1 73 ? -5.455  -2.684  -7.823  1.00 20.30 ? 73  GLN A CA  1 
ATOM   553 C C   . GLN A 1 73 ? -4.409  -1.895  -7.043  1.00 18.71 ? 73  GLN A C   1 
ATOM   554 O O   . GLN A 1 73 ? -3.239  -2.278  -7.010  1.00 19.09 ? 73  GLN A O   1 
ATOM   555 C CB  . GLN A 1 73 ? -5.136  -2.724  -9.326  1.00 28.75 ? 73  GLN A CB  1 
ATOM   556 C CG  . GLN A 1 73 ? -5.256  -1.444  -10.105 1.00 35.56 ? 73  GLN A CG  1 
ATOM   557 C CD  . GLN A 1 73 ? -5.132  -1.701  -11.612 1.00 44.77 ? 73  GLN A CD  1 
ATOM   558 O OE1 . GLN A 1 73 ? -6.061  -2.196  -12.252 1.00 28.45 ? 73  GLN A OE1 1 
ATOM   559 N NE2 . GLN A 1 73 ? -3.968  -1.381  -12.172 1.00 41.79 ? 73  GLN A NE2 1 
ATOM   560 N N   . TYR A 1 74 ? -4.842  -0.824  -6.381  1.00 20.06 ? 74  TYR A N   1 
ATOM   561 C CA  . TYR A 1 74 ? -3.951  -0.009  -5.563  1.00 23.19 ? 74  TYR A CA  1 
ATOM   562 C C   . TYR A 1 74 ? -4.235  -0.110  -4.054  1.00 24.83 ? 74  TYR A C   1 
ATOM   563 O O   . TYR A 1 74 ? -3.311  -0.188  -3.244  1.00 19.88 ? 74  TYR A O   1 
ATOM   564 C CB  . TYR A 1 74 ? -4.047  1.462   -5.971  1.00 22.80 ? 74  TYR A CB  1 
ATOM   565 C CG  . TYR A 1 74 ? -3.658  1.734   -7.402  1.00 30.79 ? 74  TYR A CG  1 
ATOM   566 C CD1 . TYR A 1 74 ? -2.435  1.288   -7.908  1.00 33.32 ? 74  TYR A CD1 1 
ATOM   567 C CD2 . TYR A 1 74 ? -4.494  2.467   -8.245  1.00 31.22 ? 74  TYR A CD2 1 
ATOM   568 C CE1 . TYR A 1 74 ? -2.051  1.568   -9.218  1.00 34.76 ? 74  TYR A CE1 1 
ATOM   569 C CE2 . TYR A 1 74 ? -4.120  2.754   -9.553  1.00 26.75 ? 74  TYR A CE2 1 
ATOM   570 C CZ  . TYR A 1 74 ? -2.902  2.308   -10.033 1.00 30.48 ? 74  TYR A CZ  1 
ATOM   571 O OH  . TYR A 1 74 ? -2.521  2.621   -11.313 1.00 25.97 ? 74  TYR A OH  1 
ATOM   572 N N   . PHE A 1 75 ? -5.514  -0.120  -3.682  1.00 23.81 ? 75  PHE A N   1 
ATOM   573 C CA  . PHE A 1 75 ? -5.908  -0.143  -2.273  1.00 20.42 ? 75  PHE A CA  1 
ATOM   574 C C   . PHE A 1 75 ? -6.245  -1.495  -1.616  1.00 21.82 ? 75  PHE A C   1 
ATOM   575 O O   . PHE A 1 75 ? -6.306  -1.581  -0.385  1.00 19.20 ? 75  PHE A O   1 
ATOM   576 C CB  . PHE A 1 75 ? -7.067  0.834   -2.071  1.00 19.74 ? 75  PHE A CB  1 
ATOM   577 C CG  . PHE A 1 75 ? -6.736  2.257   -2.454  1.00 35.89 ? 75  PHE A CG  1 
ATOM   578 C CD1 . PHE A 1 75 ? -6.095  3.108   -1.553  1.00 42.98 ? 75  PHE A CD1 1 
ATOM   579 C CD2 . PHE A 1 75 ? -7.053  2.743   -3.720  1.00 27.77 ? 75  PHE A CD2 1 
ATOM   580 C CE1 . PHE A 1 75 ? -5.777  4.422   -1.910  1.00 46.21 ? 75  PHE A CE1 1 
ATOM   581 C CE2 . PHE A 1 75 ? -6.740  4.052   -4.088  1.00 34.92 ? 75  PHE A CE2 1 
ATOM   582 C CZ  . PHE A 1 75 ? -6.100  4.894   -3.184  1.00 45.42 ? 75  PHE A CZ  1 
ATOM   583 N N   . VAL A 1 76 ? -6.498  -2.538  -2.404  1.00 14.54 ? 76  VAL A N   1 
ATOM   584 C CA  . VAL A 1 76 ? -6.768  -3.849  -1.808  1.00 17.50 ? 76  VAL A CA  1 
ATOM   585 C C   . VAL A 1 76 ? -5.374  -4.320  -1.393  1.00 17.97 ? 76  VAL A C   1 
ATOM   586 O O   . VAL A 1 76 ? -4.461  -4.357  -2.219  1.00 17.47 ? 76  VAL A O   1 
ATOM   587 C CB  . VAL A 1 76 ? -7.418  -4.814  -2.832  1.00 19.84 ? 76  VAL A CB  1 
ATOM   588 C CG1 . VAL A 1 76 ? -7.518  -6.214  -2.249  1.00 17.59 ? 76  VAL A CG1 1 
ATOM   589 C CG2 . VAL A 1 76 ? -8.812  -4.304  -3.197  1.00 19.74 ? 76  VAL A CG2 1 
ATOM   590 N N   . LEU A 1 77 ? -5.200  -4.655  -0.119  1.00 18.27 ? 77  LEU A N   1 
ATOM   591 C CA  . LEU A 1 77 ? -3.880  -5.040  0.374   1.00 17.17 ? 77  LEU A CA  1 
ATOM   592 C C   . LEU A 1 77 ? -3.107  -6.056  -0.454  1.00 20.71 ? 77  LEU A C   1 
ATOM   593 O O   . LEU A 1 77 ? -1.920  -5.866  -0.691  1.00 13.61 ? 77  LEU A O   1 
ATOM   594 C CB  . LEU A 1 77 ? -3.961  -5.495  1.832   1.00 14.82 ? 77  LEU A CB  1 
ATOM   595 C CG  . LEU A 1 77 ? -4.411  -4.403  2.816   1.00 25.44 ? 77  LEU A CG  1 
ATOM   596 C CD1 . LEU A 1 77 ? -4.079  -4.859  4.231   1.00 17.74 ? 77  LEU A CD1 1 
ATOM   597 C CD2 . LEU A 1 77 ? -3.706  -3.064  2.524   1.00 20.61 ? 77  LEU A CD2 1 
ATOM   598 N N   . LYS A 1 78 ? -3.762  -7.124  -0.902  1.00 18.66 ? 78  LYS A N   1 
ATOM   599 C CA  . LYS A 1 78 ? -3.063  -8.114  -1.709  1.00 22.20 ? 78  LYS A CA  1 
ATOM   600 C C   . LYS A 1 78 ? -2.518  -7.463  -2.983  1.00 15.73 ? 78  LYS A C   1 
ATOM   601 O O   . LYS A 1 78 ? -1.418  -7.780  -3.429  1.00 20.26 ? 78  LYS A O   1 
ATOM   602 C CB  . LYS A 1 78 ? -3.999  -9.268  -2.077  1.00 21.42 ? 78  LYS A CB  1 
ATOM   603 C CG  . LYS A 1 78 ? -3.327  -10.414 -2.818  1.00 26.33 ? 78  LYS A CG  1 
ATOM   604 C CD  . LYS A 1 78 ? -4.329  -11.533 -3.074  1.00 28.05 ? 78  LYS A CD  1 
ATOM   605 C CE  . LYS A 1 78 ? -3.702  -12.694 -3.807  1.00 40.02 ? 78  LYS A CE  1 
ATOM   606 N NZ  . LYS A 1 78 ? -2.584  -13.307 -3.047  1.00 46.66 ? 78  LYS A NZ  1 
ATOM   607 N N   . ASN A 1 79 ? -3.279  -6.547  -3.565  1.00 13.80 ? 79  ASN A N   1 
ATOM   608 C CA  . ASN A 1 79 ? -2.823  -5.893  -4.786  1.00 16.16 ? 79  ASN A CA  1 
ATOM   609 C C   . ASN A 1 79 ? -1.797  -4.818  -4.490  1.00 15.12 ? 79  ASN A C   1 
ATOM   610 O O   . ASN A 1 79 ? -0.874  -4.608  -5.275  1.00 17.93 ? 79  ASN A O   1 
ATOM   611 C CB  . ASN A 1 79 ? -3.999  -5.308  -5.556  1.00 13.75 ? 79  ASN A CB  1 
ATOM   612 C CG  . ASN A 1 79 ? -4.980  -6.374  -5.994  1.00 18.98 ? 79  ASN A CG  1 
ATOM   613 O OD1 . ASN A 1 79 ? -4.602  -7.525  -6.210  1.00 15.98 ? 79  ASN A OD1 1 
ATOM   614 N ND2 . ASN A 1 79 ? -6.247  -5.998  -6.135  1.00 17.08 ? 79  ASN A ND2 1 
ATOM   615 N N   . LEU A 1 80 ? -1.962  -4.129  -3.367  1.00 13.33 ? 80  LEU A N   1 
ATOM   616 C CA  . LEU A 1 80 ? -1.005  -3.107  -2.984  1.00 18.05 ? 80  LEU A CA  1 
ATOM   617 C C   . LEU A 1 80 ? 0.357   -3.800  -2.877  1.00 17.32 ? 80  LEU A C   1 
ATOM   618 O O   . LEU A 1 80 ? 1.370   -3.250  -3.294  1.00 12.61 ? 80  LEU A O   1 
ATOM   619 C CB  . LEU A 1 80 ? -1.389  -2.479  -1.638  1.00 20.02 ? 80  LEU A CB  1 
ATOM   620 C CG  . LEU A 1 80 ? -0.382  -1.481  -1.060  1.00 18.09 ? 80  LEU A CG  1 
ATOM   621 C CD1 . LEU A 1 80 ? -0.025  -0.443  -2.127  1.00 15.95 ? 80  LEU A CD1 1 
ATOM   622 C CD2 . LEU A 1 80 ? -0.974  -0.801  0.169   1.00 15.06 ? 80  LEU A CD2 1 
ATOM   623 N N   . ALA A 1 81 ? 0.371   -5.016  -2.331  1.00 15.88 ? 81  ALA A N   1 
ATOM   624 C CA  . ALA A 1 81 ? 1.616   -5.775  -2.193  1.00 15.90 ? 81  ALA A CA  1 
ATOM   625 C C   . ALA A 1 81 ? 2.211   -6.027  -3.573  1.00 22.30 ? 81  ALA A C   1 
ATOM   626 O O   . ALA A 1 81 ? 3.431   -5.969  -3.756  1.00 16.86 ? 81  ALA A O   1 
ATOM   627 C CB  . ALA A 1 81 ? 1.358   -7.109  -1.483  1.00 18.02 ? 81  ALA A CB  1 
ATOM   628 N N   . ALA A 1 82 ? 1.351   -6.314  -4.546  1.00 17.09 ? 82  ALA A N   1 
ATOM   629 C CA  . ALA A 1 82 ? 1.840   -6.555  -5.901  1.00 20.78 ? 82  ALA A CA  1 
ATOM   630 C C   . ALA A 1 82 ? 2.403   -5.251  -6.500  1.00 18.95 ? 82  ALA A C   1 
ATOM   631 O O   . ALA A 1 82 ? 3.372   -5.286  -7.262  1.00 18.49 ? 82  ALA A O   1 
ATOM   632 C CB  . ALA A 1 82 ? 0.727   -7.122  -6.782  1.00 14.28 ? 82  ALA A CB  1 
ATOM   633 N N   . ARG A 1 83 ? 1.807   -4.110  -6.147  1.00 17.75 ? 83  ARG A N   1 
ATOM   634 C CA  . ARG A 1 83 ? 2.284   -2.812  -6.651  1.00 20.41 ? 83  ARG A CA  1 
ATOM   635 C C   . ARG A 1 83 ? 3.661   -2.519  -6.052  1.00 19.44 ? 83  ARG A C   1 
ATOM   636 O O   . ARG A 1 83 ? 4.558   -1.994  -6.726  1.00 18.16 ? 83  ARG A O   1 
ATOM   637 C CB  . ARG A 1 83 ? 1.335   -1.670  -6.260  1.00 17.16 ? 83  ARG A CB  1 
ATOM   638 C CG  . ARG A 1 83 ? -0.088  -1.761  -6.810  1.00 22.21 ? 83  ARG A CG  1 
ATOM   639 C CD  . ARG A 1 83 ? -0.133  -1.527  -8.317  1.00 21.26 ? 83  ARG A CD  1 
ATOM   640 N NE  . ARG A 1 83 ? 0.279   -2.711  -9.065  1.00 18.48 ? 83  ARG A NE  1 
ATOM   641 C CZ  . ARG A 1 83 ? -0.441  -3.824  -9.155  1.00 20.97 ? 83  ARG A CZ  1 
ATOM   642 N NH1 . ARG A 1 83 ? -1.617  -3.914  -8.546  1.00 22.57 ? 83  ARG A NH1 1 
ATOM   643 N NH2 . ARG A 1 83 ? 0.008   -4.848  -9.858  1.00 17.76 ? 83  ARG A NH2 1 
ATOM   644 N N   . ILE A 1 84 ? 3.812   -2.845  -4.774  1.00 17.35 ? 84  ILE A N   1 
ATOM   645 C CA  . ILE A 1 84 ? 5.075   -2.631  -4.072  1.00 21.70 ? 84  ILE A CA  1 
ATOM   646 C C   . ILE A 1 84 ? 6.160   -3.500  -4.707  1.00 20.86 ? 84  ILE A C   1 
ATOM   647 O O   . ILE A 1 84 ? 7.262   -3.021  -4.962  1.00 25.32 ? 84  ILE A O   1 
ATOM   648 C CB  . ILE A 1 84 ? 4.928   -2.957  -2.557  1.00 18.64 ? 84  ILE A CB  1 
ATOM   649 C CG1 . ILE A 1 84 ? 4.040   -1.897  -1.890  1.00 20.75 ? 84  ILE A CG1 1 
ATOM   650 C CG2 . ILE A 1 84 ? 6.283   -2.980  -1.872  1.00 19.23 ? 84  ILE A CG2 1 
ATOM   651 C CD1 . ILE A 1 84 ? 3.618   -2.265  -0.490  1.00 17.97 ? 84  ILE A CD1 1 
ATOM   652 N N   . ASP A 1 85 ? 5.851   -4.767  -4.978  1.00 15.96 ? 85  ASP A N   1 
ATOM   653 C CA  . ASP A 1 85 ? 6.845   -5.649  -5.591  1.00 21.57 ? 85  ASP A CA  1 
ATOM   654 C C   . ASP A 1 85 ? 7.320   -5.075  -6.935  1.00 29.62 ? 85  ASP A C   1 
ATOM   655 O O   . ASP A 1 85 ? 8.494   -5.205  -7.294  1.00 25.80 ? 85  ASP A O   1 
ATOM   656 C CB  . ASP A 1 85 ? 6.280   -7.059  -5.812  1.00 17.50 ? 85  ASP A CB  1 
ATOM   657 C CG  . ASP A 1 85 ? 6.115   -7.847  -4.515  1.00 25.67 ? 85  ASP A CG  1 
ATOM   658 O OD1 . ASP A 1 85 ? 6.752   -7.491  -3.503  1.00 23.24 ? 85  ASP A OD1 1 
ATOM   659 O OD2 . ASP A 1 85 ? 5.360   -8.840  -4.518  1.00 22.97 ? 85  ASP A OD2 1 
ATOM   660 N N   . GLU A 1 86 ? 6.401   -4.451  -7.674  1.00 26.87 ? 86  GLU A N   1 
ATOM   661 C CA  . GLU A 1 86 ? 6.729   -3.853  -8.966  1.00 25.18 ? 86  GLU A CA  1 
ATOM   662 C C   . GLU A 1 86 ? 7.651   -2.648  -8.771  1.00 20.13 ? 86  GLU A C   1 
ATOM   663 O O   . GLU A 1 86 ? 8.647   -2.499  -9.482  1.00 24.99 ? 86  GLU A O   1 
ATOM   664 C CB  . GLU A 1 86 ? 5.439   -3.445  -9.707  1.00 22.27 ? 86  GLU A CB  1 
ATOM   665 C CG  . GLU A 1 86 ? 4.604   -4.647  -10.187 1.00 16.05 ? 86  GLU A CG  1 
ATOM   666 C CD  . GLU A 1 86 ? 3.194   -4.286  -10.694 1.00 20.64 ? 86  GLU A CD  1 
ATOM   667 O OE1 . GLU A 1 86 ? 2.501   -5.195  -11.205 1.00 21.10 ? 86  GLU A OE1 1 
ATOM   668 O OE2 . GLU A 1 86 ? 2.783   -3.114  -10.582 1.00 23.40 ? 86  GLU A OE2 1 
ATOM   669 N N   . LEU A 1 87 ? 7.334   -1.804  -7.795  1.00 19.31 ? 87  LEU A N   1 
ATOM   670 C CA  . LEU A 1 87 ? 8.149   -0.624  -7.520  1.00 19.49 ? 87  LEU A CA  1 
ATOM   671 C C   . LEU A 1 87 ? 9.540   -1.019  -7.014  1.00 29.94 ? 87  LEU A C   1 
ATOM   672 O O   . LEU A 1 87 ? 10.536  -0.364  -7.331  1.00 25.12 ? 87  LEU A O   1 
ATOM   673 C CB  . LEU A 1 87 ? 7.446   0.281   -6.502  1.00 20.66 ? 87  LEU A CB  1 
ATOM   674 C CG  . LEU A 1 87 ? 6.216   1.032   -7.046  1.00 20.87 ? 87  LEU A CG  1 
ATOM   675 C CD1 . LEU A 1 87 ? 5.418   1.647   -5.909  1.00 19.26 ? 87  LEU A CD1 1 
ATOM   676 C CD2 . LEU A 1 87 ? 6.682   2.116   -8.023  1.00 26.86 ? 87  LEU A CD2 1 
ATOM   677 N N   . VAL A 1 88 ? 9.598   -2.097  -6.235  1.00 29.17 ? 88  VAL A N   1 
ATOM   678 C CA  . VAL A 1 88 ? 10.858  -2.591  -5.696  1.00 29.23 ? 88  VAL A CA  1 
ATOM   679 C C   . VAL A 1 88 ? 11.758  -3.091  -6.827  1.00 33.66 ? 88  VAL A C   1 
ATOM   680 O O   . VAL A 1 88 ? 12.941  -2.756  -6.884  1.00 27.26 ? 88  VAL A O   1 
ATOM   681 C CB  . VAL A 1 88 ? 10.609  -3.726  -4.686  1.00 22.84 ? 88  VAL A CB  1 
ATOM   682 C CG1 . VAL A 1 88 ? 11.923  -4.402  -4.311  1.00 22.93 ? 88  VAL A CG1 1 
ATOM   683 C CG2 . VAL A 1 88 ? 9.939   -3.154  -3.443  1.00 23.07 ? 88  VAL A CG2 1 
ATOM   684 N N   . ALA A 1 89 ? 11.186  -3.887  -7.727  1.00 27.88 ? 89  ALA A N   1 
ATOM   685 C CA  . ALA A 1 89 ? 11.938  -4.418  -8.854  1.00 31.26 ? 89  ALA A CA  1 
ATOM   686 C C   . ALA A 1 89 ? 12.579  -3.281  -9.641  1.00 35.88 ? 89  ALA A C   1 
ATOM   687 O O   . ALA A 1 89 ? 13.752  -3.350  -10.002 1.00 40.99 ? 89  ALA A O   1 
ATOM   688 C CB  . ALA A 1 89 ? 11.025  -5.233  -9.761  1.00 31.53 ? 89  ALA A CB  1 
ATOM   689 N N   . ALA A 1 90 ? 11.810  -2.228  -9.895  1.00 38.25 ? 90  ALA A N   1 
ATOM   690 C CA  . ALA A 1 90 ? 12.320  -1.083  -10.639 1.00 39.25 ? 90  ALA A CA  1 
ATOM   691 C C   . ALA A 1 90 ? 13.422  -0.358  -9.870  1.00 45.01 ? 90  ALA A C   1 
ATOM   692 O O   . ALA A 1 90 ? 14.470  -0.042  -10.432 1.00 48.37 ? 90  ALA A O   1 
ATOM   693 C CB  . ALA A 1 90 ? 11.184  -0.122  -10.964 1.00 33.84 ? 90  ALA A CB  1 
ATOM   694 N N   . LYS A 1 91 ? 13.184  -0.094  -8.587  1.00 45.46 ? 91  LYS A N   1 
ATOM   695 C CA  . LYS A 1 91 ? 14.168  0.593   -7.754  1.00 46.72 ? 91  LYS A CA  1 
ATOM   696 C C   . LYS A 1 91 ? 15.435  -0.243  -7.622  1.00 52.69 ? 91  LYS A C   1 
ATOM   697 O O   . LYS A 1 91 ? 16.543  0.295   -7.586  1.00 48.91 ? 91  LYS A O   1 
ATOM   698 C CB  . LYS A 1 91 ? 13.593  0.876   -6.361  1.00 42.86 ? 91  LYS A CB  1 
ATOM   699 C CG  . LYS A 1 91 ? 14.605  1.459   -5.373  1.00 43.82 ? 91  LYS A CG  1 
ATOM   700 C CD  . LYS A 1 91 ? 15.192  2.773   -5.871  1.00 41.88 ? 91  LYS A CD  1 
ATOM   701 C CE  . LYS A 1 91 ? 14.616  3.963   -5.129  1.00 42.99 ? 91  LYS A CE  1 
ATOM   702 N NZ  . LYS A 1 91 ? 15.054  3.991   -3.705  1.00 50.69 ? 91  LYS A NZ  1 
ATOM   703 N N   . GLY A 1 92 ? 15.262  -1.559  -7.552  1.00 52.24 ? 92  GLY A N   1 
ATOM   704 C CA  . GLY A 1 92 ? 16.399  -2.450  -7.426  1.00 57.69 ? 92  GLY A CA  1 
ATOM   705 C C   . GLY A 1 92 ? 17.331  -2.335  -8.615  1.00 57.45 ? 92  GLY A C   1 
ATOM   706 O O   . GLY A 1 92 ? 18.550  -2.233  -8.454  1.00 53.99 ? 92  GLY A O   1 
ATOM   707 N N   . ALA A 1 93 ? 16.753  -2.354  -9.814  1.00 54.12 ? 93  ALA A N   1 
ATOM   708 C CA  . ALA A 1 93 ? 17.526  -2.248  -11.046 1.00 47.82 ? 93  ALA A CA  1 
ATOM   709 C C   . ALA A 1 93 ? 18.311  -0.947  -11.042 1.00 51.61 ? 93  ALA A C   1 
ATOM   710 O O   . ALA A 1 93 ? 19.495  -0.914  -11.386 1.00 54.74 ? 93  ALA A O   1 
ATOM   711 C CB  . ALA A 1 93 ? 16.595  -2.292  -12.248 1.00 53.48 ? 93  ALA A CB  1 
ATOM   712 N N   . LEU A 1 94 ? 17.642  0.129   -10.645 1.00 47.16 ? 94  LEU A N   1 
ATOM   713 C CA  . LEU A 1 94 ? 18.273  1.439   -10.589 1.00 53.74 ? 94  LEU A CA  1 
ATOM   714 C C   . LEU A 1 94 ? 19.473  1.426   -9.643  1.00 57.09 ? 94  LEU A C   1 
ATOM   715 O O   . LEU A 1 94 ? 20.494  2.061   -9.915  1.00 58.42 ? 94  LEU A O   1 
ATOM   716 C CB  . LEU A 1 94 ? 17.260  2.489   -10.127 1.00 53.87 ? 94  LEU A CB  1 
ATOM   717 C CG  . LEU A 1 94 ? 17.733  3.940   -10.128 1.00 57.05 ? 94  LEU A CG  1 
ATOM   718 C CD1 . LEU A 1 94 ? 17.975  4.403   -11.560 1.00 67.06 ? 94  LEU A CD1 1 
ATOM   719 C CD2 . LEU A 1 94 ? 16.686  4.811   -9.459  1.00 55.89 ? 94  LEU A CD2 1 
ATOM   720 N N   . GLU A 1 95 ? 19.346  0.699   -8.534  1.00 53.84 ? 95  GLU A N   1 
ATOM   721 C CA  . GLU A 1 95 ? 20.422  0.605   -7.551  1.00 54.55 ? 95  GLU A CA  1 
ATOM   722 C C   . GLU A 1 95 ? 21.496  -0.378  -8.008  1.00 51.97 ? 95  GLU A C   1 
ATOM   723 O O   . GLU A 1 95 ? 22.649  -0.288  -7.592  1.00 50.43 ? 95  GLU A O   1 
ATOM   724 C CB  . GLU A 1 95 ? 19.871  0.163   -6.188  1.00 47.21 ? 95  GLU A CB  1 
ATOM   725 C CG  . GLU A 1 95 ? 18.739  1.033   -5.655  1.00 42.74 ? 95  GLU A CG  1 
ATOM   726 C CD  . GLU A 1 95 ? 18.280  0.618   -4.263  1.00 36.63 ? 95  GLU A CD  1 
ATOM   727 O OE1 . GLU A 1 95 ? 18.206  -0.602  -3.995  1.00 26.18 ? 95  GLU A OE1 1 
ATOM   728 O OE2 . GLU A 1 95 ? 17.980  1.515   -3.446  1.00 36.84 ? 95  GLU A OE2 1 
HETATM 729 O O   . HOH B 2 .  ? 3.177   10.239  -8.609  1.00 20.67 ? 102 HOH A O   1 
HETATM 730 O O   . HOH B 2 .  ? 5.824   -8.798  9.156   1.00 27.01 ? 103 HOH A O   1 
HETATM 731 O O   . HOH B 2 .  ? 7.795   5.880   -7.391  1.00 27.43 ? 104 HOH A O   1 
HETATM 732 O O   . HOH B 2 .  ? 10.233  2.419   -7.844  1.00 29.73 ? 105 HOH A O   1 
HETATM 733 O O   . HOH B 2 .  ? 14.065  4.135   3.624   1.00 28.83 ? 106 HOH A O   1 
HETATM 734 O O   . HOH B 2 .  ? -4.942  -2.307  -15.153 1.00 16.97 ? 107 HOH A O   1 
HETATM 735 O O   . HOH B 2 .  ? 8.844   2.721   7.650   1.00 21.80 ? 108 HOH A O   1 
HETATM 736 O O   . HOH B 2 .  ? 2.540   -7.820  -10.884 1.00 29.77 ? 109 HOH A O   1 
HETATM 737 O O   . HOH B 2 .  ? -2.329  -8.510  -7.434  1.00 29.95 ? 110 HOH A O   1 
HETATM 738 O O   . HOH B 2 .  ? -5.925  -9.653  -5.426  1.00 22.53 ? 111 HOH A O   1 
HETATM 739 O O   . HOH B 2 .  ? -11.284 -6.883  -1.067  1.00 29.27 ? 112 HOH A O   1 
HETATM 740 O O   . HOH B 2 .  ? 10.029  -7.009  -6.100  1.00 25.77 ? 113 HOH A O   1 
HETATM 741 O O   . HOH B 2 .  ? 6.323   -11.631 -0.893  1.00 35.71 ? 114 HOH A O   1 
HETATM 742 O O   . HOH B 2 .  ? 9.336   -7.009  -3.276  1.00 27.53 ? 115 HOH A O   1 
HETATM 743 O O   . HOH B 2 .  ? -9.903  6.069   4.216   1.00 31.62 ? 116 HOH A O   1 
HETATM 744 O O   . HOH B 2 .  ? -11.140 -0.405  -4.156  1.00 27.16 ? 117 HOH A O   1 
HETATM 745 O O   . HOH B 2 .  ? 11.542  5.966   -0.303  1.00 28.99 ? 118 HOH A O   1 
HETATM 746 O O   . HOH B 2 .  ? 2.216   17.009  -11.752 1.00 34.89 ? 119 HOH A O   1 
HETATM 747 O O   . HOH B 2 .  ? 2.195   10.435  3.018   1.00 24.07 ? 120 HOH A O   1 
HETATM 748 O O   . HOH B 2 .  ? -1.531  -2.791  16.450  1.00 40.85 ? 121 HOH A O   1 
HETATM 749 O O   . HOH B 2 .  ? 2.499   -9.844  9.298   1.00 23.53 ? 122 HOH A O   1 
HETATM 750 O O   . HOH B 2 .  ? 4.055   7.309   9.099   1.00 37.30 ? 123 HOH A O   1 
HETATM 751 O O   . HOH B 2 .  ? -6.687  8.242   -6.552  1.00 28.80 ? 124 HOH A O   1 
HETATM 752 O O   . HOH B 2 .  ? -1.543  -7.762  -10.069 1.00 31.04 ? 125 HOH A O   1 
HETATM 753 O O   . HOH B 2 .  ? 3.414   -0.482  -8.887  1.00 25.88 ? 126 HOH A O   1 
HETATM 754 O O   . HOH B 2 .  ? -10.546 -5.876  6.349   1.00 33.16 ? 127 HOH A O   1 
HETATM 755 O O   . HOH B 2 .  ? 0.394   -9.665  -3.869  1.00 26.85 ? 128 HOH A O   1 
HETATM 756 O O   . HOH B 2 .  ? 3.984   -9.774  -6.935  1.00 35.36 ? 129 HOH A O   1 
HETATM 757 O O   . HOH B 2 .  ? 9.104   -8.029  0.340   1.00 32.44 ? 130 HOH A O   1 
HETATM 758 O O   . HOH B 2 .  ? -14.999 -0.971  4.711   1.00 52.29 ? 131 HOH A O   1 
HETATM 759 O O   . HOH B 2 .  ? 4.083   8.214   -1.493  1.00 34.31 ? 132 HOH A O   1 
HETATM 760 O O   . HOH B 2 .  ? -1.468  -6.180  16.618  1.00 35.74 ? 133 HOH A O   1 
HETATM 761 O O   . HOH B 2 .  ? 24.828  -0.529  -9.152  1.00 63.05 ? 134 HOH A O   1 
HETATM 762 O O   . HOH B 2 .  ? -12.971 1.910   8.204   1.00 34.69 ? 135 HOH A O   1 
HETATM 763 O O   . HOH B 2 .  ? 24.017  1.748   -10.295 1.00 46.03 ? 136 HOH A O   1 
HETATM 764 O O   . HOH B 2 .  ? 5.483   -14.176 5.299   1.00 35.97 ? 137 HOH A O   1 
HETATM 765 O O   . HOH B 2 .  ? -0.522  0.622   -12.230 1.00 42.56 ? 138 HOH A O   1 
HETATM 766 O O   . HOH B 2 .  ? 13.881  8.806   5.460   1.00 40.47 ? 139 HOH A O   1 
HETATM 767 O O   . HOH B 2 .  ? -13.508 2.533   -5.418  1.00 46.85 ? 140 HOH A O   1 
HETATM 768 O O   . HOH B 2 .  ? 9.043   -3.225  -12.297 1.00 53.36 ? 141 HOH A O   1 
HETATM 769 O O   . HOH B 2 .  ? -9.484  -1.246  13.194  1.00 44.89 ? 142 HOH A O   1 
HETATM 770 O O   . HOH B 2 .  ? -12.522 4.177   6.927   1.00 44.29 ? 143 HOH A O   1 
HETATM 771 O O   . HOH B 2 .  ? -8.256  11.772  8.714   1.00 40.95 ? 144 HOH A O   1 
HETATM 772 O O   . HOH B 2 .  ? -12.335 7.311   2.823   1.00 43.98 ? 145 HOH A O   1 
HETATM 773 O O   . HOH B 2 .  ? -3.141  -0.129  -17.688 1.00 37.86 ? 146 HOH A O   1 
HETATM 774 O O   . HOH B 2 .  ? -1.976  7.006   11.679  1.00 38.36 ? 147 HOH A O   1 
HETATM 775 O O   . HOH B 2 .  ? -10.526 0.619   -1.846  1.00 44.63 ? 148 HOH A O   1 
HETATM 776 O O   . HOH B 2 .  ? 5.802   -11.070 -3.294  1.00 43.65 ? 149 HOH A O   1 
HETATM 777 O O   . HOH B 2 .  ? -7.603  -9.802  -2.900  1.00 23.36 ? 150 HOH A O   1 
HETATM 778 O O   . HOH B 2 .  ? -10.056 -8.897  -2.842  1.00 28.95 ? 151 HOH A O   1 
HETATM 779 O O   . HOH B 2 .  ? 1.423   0.932   -13.978 1.00 41.14 ? 152 HOH A O   1 
HETATM 780 O O   . HOH B 2 .  ? 3.121   12.243  -2.351  1.00 40.27 ? 153 HOH A O   1 
HETATM 781 O O   . HOH B 2 .  ? 2.865   9.999   0.261   1.00 34.62 ? 154 HOH A O   1 
HETATM 782 O O   . HOH B 2 .  ? 0.221   -9.392  -10.937 1.00 28.49 ? 155 HOH A O   1 
HETATM 783 O O   . HOH B 2 .  ? 4.110   -7.752  -8.509  1.00 32.26 ? 156 HOH A O   1 
HETATM 784 O O   . HOH B 2 .  ? 3.495   -9.757  -2.947  1.00 47.24 ? 157 HOH A O   1 
HETATM 785 O O   . HOH B 2 .  ? 9.788   4.094   -6.177  1.00 36.35 ? 158 HOH A O   1 
HETATM 786 O O   . HOH B 2 .  ? 8.058   0.761   9.111   1.00 45.53 ? 159 HOH A O   1 
HETATM 787 O O   . HOH B 2 .  ? 8.973   3.224   -10.293 1.00 31.55 ? 160 HOH A O   1 
HETATM 788 O O   . HOH B 2 .  ? 12.721  3.533   -9.072  1.00 37.44 ? 161 HOH A O   1 
HETATM 789 O O   . HOH B 2 .  ? 1.669   11.858  -12.895 1.00 46.14 ? 162 HOH A O   1 
HETATM 790 O O   . HOH B 2 .  ? 2.829   1.701   -10.128 1.00 37.89 ? 163 HOH A O   1 
HETATM 791 O O   . HOH B 2 .  ? 8.121   4.660   9.422   1.00 40.29 ? 164 HOH A O   1 
HETATM 792 O O   . HOH B 2 .  ? -7.803  3.018   12.701  1.00 41.70 ? 165 HOH A O   1 
HETATM 793 O O   . HOH B 2 .  ? 5.596   -11.995 -7.739  1.00 50.93 ? 166 HOH A O   1 
HETATM 794 O O   . HOH B 2 .  ? 1.588   -13.635 3.015   1.00 35.93 ? 167 HOH A O   1 
HETATM 795 O O   . HOH B 2 .  ? 6.977   4.871   -9.864  1.00 30.26 ? 168 HOH A O   1 
HETATM 796 O O   . HOH B 2 .  ? -4.792  6.397   -6.516  1.00 43.81 ? 169 HOH A O   1 
HETATM 797 O O   . HOH B 2 .  ? 13.627  5.644   1.446   1.00 44.67 ? 170 HOH A O   1 
HETATM 798 O O   . HOH B 2 .  ? 12.683  6.550   -2.813  1.00 42.48 ? 171 HOH A O   1 
HETATM 799 O O   . HOH B 2 .  ? -13.009 -0.648  1.718   1.00 55.42 ? 172 HOH A O   1 
HETATM 800 O O   . HOH B 2 .  ? 9.467   -10.620 0.313   1.00 48.18 ? 173 HOH A O   1 
HETATM 801 O O   . HOH B 2 .  ? -9.738  -3.758  13.040  1.00 36.54 ? 174 HOH A O   1 
HETATM 802 O O   . HOH B 2 .  ? -11.244 10.941  10.637  1.00 45.12 ? 175 HOH A O   1 
HETATM 803 O O   . HOH B 2 .  ? -10.636 10.988  -18.215 1.00 52.46 ? 176 HOH A O   1 
HETATM 804 O O   . HOH B 2 .  ? -3.948  0.511   -20.631 1.00 48.93 ? 177 HOH A O   1 
HETATM 805 O O   . HOH B 2 .  ? -6.211  3.405   -22.872 1.00 49.05 ? 178 HOH A O   1 
HETATM 806 O O   . HOH B 2 .  ? -9.158  3.002   -22.075 1.00 44.41 ? 179 HOH A O   1 
HETATM 807 O O   . HOH B 2 .  ? 4.936   3.293   -11.278 1.00 37.55 ? 180 HOH A O   1 
HETATM 808 O O   . HOH B 2 .  ? 5.664   -0.383  -12.122 1.00 55.39 ? 181 HOH A O   1 
HETATM 809 O O   . HOH B 2 .  ? -1.796  -12.133 0.122   1.00 34.19 ? 182 HOH A O   1 
HETATM 810 O O   . HOH B 2 .  ? -12.867 -5.125  -2.783  1.00 44.74 ? 183 HOH A O   1 
HETATM 811 O O   . HOH B 2 .  ? -14.271 -5.348  -4.878  1.00 49.06 ? 184 HOH A O   1 
HETATM 812 O O   . HOH B 2 .  ? -7.593  -12.524 -2.699  1.00 46.84 ? 185 HOH A O   1 
HETATM 813 O O   . HOH B 2 .  ? -8.415  -14.680 -3.693  1.00 45.71 ? 186 HOH A O   1 
HETATM 814 O O   . HOH B 2 .  ? 0.608   -10.787 -8.156  1.00 35.29 ? 187 HOH A O   1 
HETATM 815 O O   . HOH B 2 .  ? 6.901   -7.789  -9.350  1.00 29.50 ? 188 HOH A O   1 
HETATM 816 O O   . HOH B 2 .  ? 7.171   -4.395  -13.728 1.00 53.64 ? 189 HOH A O   1 
HETATM 817 O O   . HOH B 2 .  ? 7.347   -2.009  -16.083 1.00 68.19 ? 190 HOH A O   1 
HETATM 818 O O   . HOH B 2 .  ? 1.205   -15.345 7.019   1.00 60.45 ? 191 HOH A O   1 
HETATM 819 O O   . HOH B 2 .  ? -2.476  -12.617 7.372   1.00 46.95 ? 192 HOH A O   1 
HETATM 820 O O   . HOH B 2 .  ? 2.788   -10.929 -0.651  1.00 23.06 ? 193 HOH A O   1 
# 
